data_3CV2
#
_entry.id   3CV2
#
_cell.length_a   75.202
_cell.length_b   71.475
_cell.length_c   103.261
_cell.angle_alpha   90.00
_cell.angle_beta   90.06
_cell.angle_gamma   90.00
#
_symmetry.space_group_name_H-M   'P 1 21 1'
#
loop_
_entity.id
_entity.type
_entity.pdbx_description
1 polymer 'Malate synthase A'
2 non-polymer 'OXALATE ION'
3 non-polymer 'MAGNESIUM ION'
4 non-polymer 'COENZYME A'
5 water water
#
_entity_poly.entity_id   1
_entity_poly.type   'polypeptide(L)'
_entity_poly.pdbx_seq_one_letter_code
;TEQATTTDELAFTRPYGEQEKQILTAEAVEFLTELVTHFTPQRNKLLAARIQQQQDIDNGTLPDFISETASIRDADWKIR
GIPADLEDRRVEITGPVERKMVINALNANVKVFMADFEDSLAPDWNKVIDGQINLRDAVNGTISYTNEAGKIYQLKPNPA
VLICRVRGLHLPEKHVTWRGEAIPGSLFDFALYFFHNYQALLAKGSGPYFYLPKTQSWQEAAWWSEVFSYAEDRFNLPRG
TIKATLLIETLPAVFQMDEILHALRDHIVGLNCGRWDYIFSYIKTLKNYPDRVLPDRQAVTMDKPFLNAYSRLLIKTCHK
RGAFAMGGMAAFIPSKDEEHNNQVLNKVKADKSLEANNGHDGTWIAHPGLADTAMAVFNDILGSRKNQLEVMREQDAPIT
ADQLLAPCDGERTEEGMRANIRVAVQYIEAWISGNG(CSO)VPIYGLMEDAATAEISRTSIWQWIHHQKTLSNGKPVTKA
LFRQMLGEEMKVIASELGEERFSQGRFDDAARLMEQITTSDELIDFLTLPGYRLLA
;
_entity_poly.pdbx_strand_id   A,B
#
loop_
_chem_comp.id
_chem_comp.type
_chem_comp.name
_chem_comp.formula
COA non-polymer 'COENZYME A' 'C21 H36 N7 O16 P3 S'
MG non-polymer 'MAGNESIUM ION' 'Mg 2'
OXL non-polymer 'OXALATE ION' 'C2 O4 -2'
#
# COMPACT_ATOMS: atom_id res chain seq x y z
N GLU A 9 -43.78 31.81 16.95
CA GLU A 9 -43.47 32.19 15.55
C GLU A 9 -41.97 32.08 15.28
N LEU A 10 -41.61 31.97 14.00
CA LEU A 10 -40.21 31.98 13.61
C LEU A 10 -39.72 33.40 13.44
N ALA A 11 -38.47 33.63 13.82
CA ALA A 11 -37.77 34.87 13.54
C ALA A 11 -36.71 34.63 12.48
N PHE A 12 -36.56 35.60 11.57
CA PHE A 12 -35.53 35.55 10.55
C PHE A 12 -34.52 36.64 10.82
N THR A 13 -33.25 36.24 10.95
CA THR A 13 -32.20 37.16 11.40
C THR A 13 -31.64 38.02 10.26
N ARG A 14 -31.98 37.68 9.03
CA ARG A 14 -31.52 38.43 7.87
C ARG A 14 -32.68 39.05 7.10
N PRO A 15 -32.50 40.29 6.60
CA PRO A 15 -33.56 40.88 5.80
C PRO A 15 -33.78 40.11 4.51
N TYR A 16 -35.04 39.98 4.10
CA TYR A 16 -35.37 39.29 2.85
C TYR A 16 -34.89 40.08 1.63
N GLY A 17 -34.21 39.37 0.75
CA GLY A 17 -33.90 39.83 -0.59
C GLY A 17 -34.85 39.11 -1.54
N GLU A 18 -34.59 39.24 -2.83
CA GLU A 18 -35.47 38.66 -3.83
C GLU A 18 -35.53 37.14 -3.70
N GLN A 19 -34.40 36.54 -3.32
CA GLN A 19 -34.32 35.08 -3.20
CA GLN A 19 -34.32 35.08 -3.20
C GLN A 19 -35.17 34.57 -2.03
N GLU A 20 -35.10 35.25 -0.87
CA GLU A 20 -35.93 34.88 0.27
C GLU A 20 -37.42 35.07 -0.05
N LYS A 21 -37.73 36.09 -0.85
CA LYS A 21 -39.13 36.31 -1.21
C LYS A 21 -39.69 35.17 -2.06
N GLN A 22 -38.81 34.53 -2.83
CA GLN A 22 -39.18 33.34 -3.60
C GLN A 22 -39.36 32.09 -2.75
N ILE A 23 -38.39 31.84 -1.88
CA ILE A 23 -38.35 30.59 -1.12
C ILE A 23 -39.14 30.67 0.18
N LEU A 24 -38.99 31.78 0.90
CA LEU A 24 -39.63 31.94 2.20
C LEU A 24 -40.96 32.68 2.04
N THR A 25 -41.83 32.12 1.21
CA THR A 25 -43.15 32.67 1.00
C THR A 25 -43.93 32.52 2.30
N ALA A 26 -45.02 33.27 2.43
CA ALA A 26 -45.80 33.20 3.65
C ALA A 26 -46.24 31.76 3.91
N GLU A 27 -46.63 31.08 2.83
CA GLU A 27 -47.15 29.73 2.96
C GLU A 27 -46.05 28.73 3.32
N ALA A 28 -44.90 28.87 2.68
CA ALA A 28 -43.74 28.06 3.04
C ALA A 28 -43.39 28.24 4.50
N VAL A 29 -43.38 29.50 4.97
CA VAL A 29 -42.98 29.78 6.33
C VAL A 29 -44.01 29.26 7.35
N GLU A 30 -45.29 29.33 7.01
CA GLU A 30 -46.34 28.73 7.85
C GLU A 30 -46.11 27.20 8.00
N PHE A 31 -45.82 26.52 6.89
CA PHE A 31 -45.59 25.07 6.91
C PHE A 31 -44.32 24.75 7.72
N LEU A 32 -43.24 25.49 7.46
CA LEU A 32 -42.01 25.30 8.21
C LEU A 32 -42.24 25.50 9.72
N THR A 33 -43.02 26.51 10.08
CA THR A 33 -43.32 26.76 11.47
C THR A 33 -44.03 25.57 12.11
N GLU A 34 -44.99 24.98 11.39
CA GLU A 34 -45.69 23.80 11.90
C GLU A 34 -44.71 22.65 12.17
N LEU A 35 -43.83 22.37 11.22
CA LEU A 35 -42.84 21.32 11.44
C LEU A 35 -41.94 21.66 12.60
N VAL A 36 -41.47 22.90 12.68
CA VAL A 36 -40.57 23.27 13.76
C VAL A 36 -41.24 23.10 15.13
N THR A 37 -42.47 23.57 15.26
CA THR A 37 -43.16 23.52 16.55
C THR A 37 -43.54 22.11 16.94
N HIS A 38 -43.93 21.30 15.94
CA HIS A 38 -44.35 19.94 16.20
C HIS A 38 -43.18 18.99 16.48
N PHE A 39 -42.00 19.27 15.92
CA PHE A 39 -40.93 18.26 15.89
C PHE A 39 -39.59 18.67 16.50
N THR A 40 -39.40 19.95 16.78
CA THR A 40 -38.11 20.38 17.35
C THR A 40 -37.86 19.86 18.78
N PRO A 41 -38.86 19.92 19.67
CA PRO A 41 -38.63 19.36 21.01
C PRO A 41 -38.18 17.89 20.99
N GLN A 42 -38.82 17.08 20.16
CA GLN A 42 -38.48 15.66 20.06
CA GLN A 42 -38.45 15.66 20.09
C GLN A 42 -37.07 15.48 19.48
N ARG A 43 -36.76 16.31 18.48
CA ARG A 43 -35.42 16.32 17.92
C ARG A 43 -34.38 16.62 19.00
N ASN A 44 -34.64 17.62 19.86
CA ASN A 44 -33.68 17.90 20.93
C ASN A 44 -33.56 16.76 21.92
N LYS A 45 -34.66 16.08 22.22
CA LYS A 45 -34.63 14.91 23.10
C LYS A 45 -33.79 13.79 22.46
N LEU A 46 -33.91 13.65 21.15
CA LEU A 46 -33.10 12.64 20.44
C LEU A 46 -31.61 12.97 20.52
N LEU A 47 -31.26 14.25 20.41
CA LEU A 47 -29.86 14.63 20.53
C LEU A 47 -29.36 14.35 21.96
N ALA A 48 -30.22 14.58 22.96
CA ALA A 48 -29.86 14.28 24.36
C ALA A 48 -29.65 12.77 24.58
N ALA A 49 -30.48 11.97 23.93
CA ALA A 49 -30.39 10.52 24.08
C ALA A 49 -29.06 10.02 23.52
N ARG A 50 -28.55 10.68 22.48
CA ARG A 50 -27.25 10.33 21.93
C ARG A 50 -26.15 10.45 22.98
N ILE A 51 -26.22 11.50 23.80
CA ILE A 51 -25.20 11.70 24.83
C ILE A 51 -25.14 10.51 25.78
N GLN A 52 -26.31 10.07 26.26
CA GLN A 52 -26.34 8.99 27.21
C GLN A 52 -25.84 7.68 26.57
N GLN A 53 -26.27 7.43 25.34
CA GLN A 53 -25.85 6.20 24.67
C GLN A 53 -24.34 6.15 24.43
N GLN A 54 -23.74 7.28 24.07
CA GLN A 54 -22.29 7.31 23.94
C GLN A 54 -21.59 7.12 25.29
N GLN A 55 -22.13 7.73 26.36
CA GLN A 55 -21.56 7.55 27.70
C GLN A 55 -21.50 6.08 28.06
N ASP A 56 -22.56 5.32 27.75
CA ASP A 56 -22.61 3.88 28.00
C ASP A 56 -21.49 3.14 27.26
N ILE A 57 -21.20 3.55 26.03
CA ILE A 57 -20.10 2.96 25.28
C ILE A 57 -18.74 3.35 25.89
N ASP A 58 -18.60 4.64 26.20
CA ASP A 58 -17.42 5.20 26.86
C ASP A 58 -17.10 4.47 28.15
N ASN A 59 -18.14 4.08 28.88
CA ASN A 59 -18.00 3.40 30.18
C ASN A 59 -17.80 1.89 30.08
N GLY A 60 -17.68 1.38 28.85
CA GLY A 60 -17.20 0.02 28.64
C GLY A 60 -18.14 -1.00 28.05
N THR A 61 -19.35 -0.61 27.67
CA THR A 61 -20.27 -1.54 27.01
C THR A 61 -20.27 -1.27 25.51
N LEU A 62 -19.62 -2.15 24.75
CA LEU A 62 -19.55 -1.98 23.30
C LEU A 62 -20.94 -2.16 22.68
N PRO A 63 -21.15 -1.57 21.50
CA PRO A 63 -22.41 -1.76 20.78
C PRO A 63 -22.68 -3.22 20.41
N ASP A 64 -23.96 -3.59 20.36
CA ASP A 64 -24.39 -4.90 19.87
C ASP A 64 -25.85 -4.73 19.45
N PHE A 65 -26.43 -5.78 18.92
CA PHE A 65 -27.83 -5.78 18.51
C PHE A 65 -28.75 -5.61 19.71
N ILE A 66 -29.94 -5.07 19.47
CA ILE A 66 -30.88 -4.76 20.52
C ILE A 66 -31.63 -6.03 20.96
N SER A 67 -31.75 -6.22 22.25
CA SER A 67 -32.40 -7.42 22.80
CA SER A 67 -32.38 -7.43 22.77
C SER A 67 -33.88 -7.46 22.47
N GLU A 68 -34.59 -6.42 22.89
CA GLU A 68 -36.05 -6.45 22.95
CA GLU A 68 -36.06 -6.48 22.94
C GLU A 68 -36.71 -6.54 21.58
N THR A 69 -36.01 -6.07 20.55
CA THR A 69 -36.58 -6.00 19.21
C THR A 69 -36.22 -7.22 18.35
N ALA A 70 -35.74 -8.31 18.97
CA ALA A 70 -35.47 -9.55 18.25
C ALA A 70 -36.62 -10.02 17.36
N SER A 71 -37.86 -9.84 17.82
CA SER A 71 -39.03 -10.27 17.04
C SER A 71 -39.14 -9.56 15.68
N ILE A 72 -38.77 -8.28 15.65
CA ILE A 72 -38.77 -7.52 14.40
C ILE A 72 -37.74 -8.11 13.44
N ARG A 73 -36.57 -8.43 13.95
CA ARG A 73 -35.46 -8.87 13.10
C ARG A 73 -35.70 -10.27 12.54
N ASP A 74 -36.41 -11.09 13.30
CA ASP A 74 -36.63 -12.48 12.89
C ASP A 74 -38.00 -12.75 12.28
N ALA A 75 -38.75 -11.68 12.05
CA ALA A 75 -40.04 -11.74 11.38
C ALA A 75 -39.88 -11.48 9.87
N ASP A 76 -40.81 -11.98 9.07
CA ASP A 76 -40.86 -11.68 7.64
C ASP A 76 -41.75 -10.47 7.45
N TRP A 77 -41.23 -9.45 6.79
CA TRP A 77 -41.96 -8.25 6.41
C TRP A 77 -41.06 -7.49 5.45
N LYS A 78 -41.68 -6.61 4.69
CA LYS A 78 -40.96 -5.80 3.71
C LYS A 78 -41.37 -4.34 3.80
N ILE A 79 -40.59 -3.47 3.17
CA ILE A 79 -40.95 -2.05 3.08
C ILE A 79 -42.23 -1.90 2.24
N ARG A 80 -42.84 -0.71 2.31
CA ARG A 80 -44.13 -0.48 1.66
C ARG A 80 -44.03 -0.57 0.14
N GLY A 81 -43.01 0.04 -0.43
CA GLY A 81 -42.90 0.04 -1.88
C GLY A 81 -41.83 0.94 -2.42
N ILE A 82 -41.49 0.70 -3.68
CA ILE A 82 -40.46 1.45 -4.39
C ILE A 82 -41.08 2.01 -5.66
N PRO A 83 -41.03 3.34 -5.83
CA PRO A 83 -41.58 3.96 -7.05
C PRO A 83 -40.86 3.51 -8.30
N ALA A 84 -41.56 3.52 -9.44
CA ALA A 84 -40.96 3.04 -10.69
C ALA A 84 -39.63 3.70 -11.01
N ASP A 85 -39.52 5.00 -10.75
CA ASP A 85 -38.33 5.75 -11.13
C ASP A 85 -37.17 5.58 -10.13
N LEU A 86 -37.38 4.75 -9.11
CA LEU A 86 -36.32 4.40 -8.17
C LEU A 86 -36.00 2.89 -8.22
N GLU A 87 -36.46 2.19 -9.26
CA GLU A 87 -36.19 0.76 -9.48
CA GLU A 87 -36.19 0.77 -9.45
C GLU A 87 -34.79 0.49 -10.03
N ASP A 88 -34.21 1.47 -10.74
CA ASP A 88 -32.88 1.36 -11.30
C ASP A 88 -32.07 2.55 -10.80
N ARG A 89 -31.13 2.28 -9.90
CA ARG A 89 -30.29 3.32 -9.31
C ARG A 89 -28.82 2.92 -9.41
N ARG A 90 -28.43 2.33 -10.55
CA ARG A 90 -27.14 1.66 -10.62
C ARG A 90 -25.99 2.61 -10.41
N VAL A 91 -26.16 3.85 -10.82
CA VAL A 91 -25.20 4.89 -10.45
C VAL A 91 -25.96 6.16 -10.09
N GLU A 92 -25.57 6.78 -8.97
CA GLU A 92 -26.04 8.07 -8.50
C GLU A 92 -24.85 8.99 -8.41
N ILE A 93 -24.99 10.21 -8.93
CA ILE A 93 -23.96 11.21 -8.75
C ILE A 93 -24.39 12.12 -7.61
N THR A 94 -23.43 12.49 -6.77
CA THR A 94 -23.64 13.46 -5.70
C THR A 94 -23.00 14.78 -6.10
N GLY A 95 -23.64 15.87 -5.70
CA GLY A 95 -23.03 17.19 -5.84
C GLY A 95 -23.78 18.24 -5.05
N PRO A 96 -23.08 19.33 -4.70
CA PRO A 96 -23.74 20.41 -3.99
C PRO A 96 -24.75 21.17 -4.87
N VAL A 97 -25.58 21.98 -4.23
CA VAL A 97 -26.75 22.56 -4.86
C VAL A 97 -26.49 23.88 -5.60
N GLU A 98 -25.26 24.08 -6.07
CA GLU A 98 -24.91 25.22 -6.91
C GLU A 98 -25.50 25.03 -8.31
N ARG A 99 -25.87 26.14 -8.93
CA ARG A 99 -26.72 26.10 -10.13
C ARG A 99 -26.12 25.33 -11.31
N LYS A 100 -24.89 25.69 -11.71
CA LYS A 100 -24.26 24.98 -12.81
C LYS A 100 -24.07 23.50 -12.47
N MET A 101 -23.72 23.21 -11.22
CA MET A 101 -23.49 21.83 -10.79
C MET A 101 -24.75 20.98 -10.91
N VAL A 102 -25.88 21.57 -10.52
CA VAL A 102 -27.15 20.88 -10.59
C VAL A 102 -27.44 20.49 -12.04
N ILE A 103 -27.19 21.40 -12.98
CA ILE A 103 -27.48 21.10 -14.37
C ILE A 103 -26.55 20.01 -14.87
N ASN A 104 -25.26 20.15 -14.63
CA ASN A 104 -24.31 19.13 -15.08
C ASN A 104 -24.58 17.75 -14.48
N ALA A 105 -24.97 17.71 -13.21
CA ALA A 105 -25.25 16.44 -12.54
C ALA A 105 -26.50 15.79 -13.12
N LEU A 106 -27.55 16.57 -13.32
CA LEU A 106 -28.77 16.02 -13.89
C LEU A 106 -28.54 15.52 -15.32
N ASN A 107 -27.58 16.13 -16.02
CA ASN A 107 -27.22 15.73 -17.38
C ASN A 107 -26.20 14.58 -17.50
N ALA A 108 -25.69 14.10 -16.36
CA ALA A 108 -24.61 13.14 -16.35
C ALA A 108 -25.08 11.74 -16.73
N ASN A 109 -24.14 10.85 -17.00
CA ASN A 109 -24.45 9.48 -17.41
C ASN A 109 -24.72 8.63 -16.18
N VAL A 110 -25.85 8.93 -15.54
CA VAL A 110 -26.22 8.31 -14.28
C VAL A 110 -27.73 8.11 -14.24
N LYS A 111 -28.21 7.44 -13.20
CA LYS A 111 -29.66 7.31 -12.99
C LYS A 111 -30.26 8.41 -12.09
N VAL A 112 -29.51 8.83 -11.07
CA VAL A 112 -29.98 9.70 -10.00
C VAL A 112 -28.91 10.75 -9.76
N PHE A 113 -29.38 11.96 -9.46
CA PHE A 113 -28.57 13.03 -8.87
C PHE A 113 -29.04 13.28 -7.45
N MET A 114 -28.14 13.08 -6.51
CA MET A 114 -28.35 13.49 -5.12
C MET A 114 -27.79 14.89 -4.90
N ALA A 115 -28.69 15.87 -4.90
CA ALA A 115 -28.33 17.25 -4.62
C ALA A 115 -28.10 17.42 -3.12
N ASP A 116 -26.97 18.01 -2.77
CA ASP A 116 -26.49 18.01 -1.38
C ASP A 116 -26.56 19.35 -0.64
N PHE A 117 -27.32 19.36 0.46
CA PHE A 117 -27.27 20.49 1.40
C PHE A 117 -26.41 20.10 2.60
N GLU A 118 -25.85 18.90 2.59
CA GLU A 118 -25.16 18.38 3.74
C GLU A 118 -23.64 18.44 3.54
N ASP A 119 -22.94 17.32 3.61
CA ASP A 119 -21.49 17.36 3.83
C ASP A 119 -20.66 18.05 2.77
N SER A 120 -21.15 18.08 1.52
CA SER A 120 -20.41 18.77 0.46
C SER A 120 -20.76 20.26 0.31
N LEU A 121 -21.68 20.76 1.13
CA LEU A 121 -22.05 22.17 1.14
C LEU A 121 -21.62 22.86 2.44
N ALA A 122 -20.95 24.02 2.36
CA ALA A 122 -20.78 24.88 3.53
C ALA A 122 -22.08 25.69 3.65
N PRO A 123 -22.79 25.56 4.78
CA PRO A 123 -24.18 26.01 4.83
C PRO A 123 -24.30 27.52 5.08
N ASP A 124 -23.68 28.31 4.22
CA ASP A 124 -23.93 29.74 4.25
C ASP A 124 -25.38 29.97 3.90
N TRP A 125 -26.00 30.97 4.51
CA TRP A 125 -27.40 31.30 4.27
C TRP A 125 -27.66 31.46 2.78
N ASN A 126 -26.85 32.26 2.09
CA ASN A 126 -27.08 32.49 0.68
C ASN A 126 -27.04 31.21 -0.13
N LYS A 127 -26.15 30.27 0.23
CA LYS A 127 -26.03 29.02 -0.53
C LYS A 127 -27.18 28.06 -0.28
N VAL A 128 -27.72 28.03 0.94
CA VAL A 128 -28.88 27.21 1.23
CA VAL A 128 -28.89 27.19 1.21
C VAL A 128 -30.13 27.75 0.49
N ILE A 129 -30.33 29.07 0.52
CA ILE A 129 -31.47 29.66 -0.19
C ILE A 129 -31.35 29.47 -1.71
N ASP A 130 -30.18 29.79 -2.25
CA ASP A 130 -29.92 29.64 -3.68
C ASP A 130 -30.09 28.18 -4.08
N GLY A 131 -29.71 27.28 -3.20
CA GLY A 131 -29.88 25.85 -3.46
C GLY A 131 -31.33 25.46 -3.64
N GLN A 132 -32.21 25.96 -2.77
CA GLN A 132 -33.64 25.74 -2.91
C GLN A 132 -34.14 26.36 -4.21
N ILE A 133 -33.66 27.55 -4.58
CA ILE A 133 -34.09 28.15 -5.85
C ILE A 133 -33.69 27.22 -7.01
N ASN A 134 -32.47 26.71 -6.97
CA ASN A 134 -31.92 25.90 -8.05
C ASN A 134 -32.67 24.58 -8.20
N LEU A 135 -32.97 23.94 -7.07
CA LEU A 135 -33.71 22.69 -7.15
C LEU A 135 -35.15 22.87 -7.63
N ARG A 136 -35.80 23.97 -7.28
CA ARG A 136 -37.14 24.25 -7.79
C ARG A 136 -37.08 24.43 -9.29
N ASP A 137 -36.11 25.22 -9.77
CA ASP A 137 -35.98 25.43 -11.20
C ASP A 137 -35.67 24.11 -11.92
N ALA A 138 -34.92 23.25 -11.24
CA ALA A 138 -34.58 21.94 -11.82
C ALA A 138 -35.80 21.01 -11.92
N VAL A 139 -36.55 20.91 -10.82
CA VAL A 139 -37.79 20.16 -10.82
C VAL A 139 -38.73 20.66 -11.93
N ASN A 140 -38.82 21.98 -12.07
CA ASN A 140 -39.71 22.60 -13.07
C ASN A 140 -39.19 22.49 -14.51
N GLY A 141 -37.96 22.03 -14.67
CA GLY A 141 -37.38 21.73 -15.98
C GLY A 141 -36.77 22.94 -16.65
N THR A 142 -36.78 24.09 -15.96
CA THR A 142 -36.39 25.38 -16.56
C THR A 142 -34.97 25.87 -16.19
N ILE A 143 -34.32 25.21 -15.23
CA ILE A 143 -33.05 25.67 -14.72
C ILE A 143 -32.07 25.90 -15.89
N SER A 144 -31.37 27.03 -15.86
CA SER A 144 -30.39 27.33 -16.87
C SER A 144 -29.32 28.22 -16.28
N TYR A 145 -28.16 28.19 -16.90
CA TYR A 145 -27.02 28.92 -16.40
C TYR A 145 -26.15 29.31 -17.58
N THR A 146 -25.76 30.59 -17.60
CA THR A 146 -24.81 31.06 -18.58
C THR A 146 -23.63 31.64 -17.83
N ASN A 147 -22.46 31.15 -18.21
CA ASN A 147 -21.23 31.52 -17.54
C ASN A 147 -20.64 32.80 -18.16
N GLU A 148 -19.49 33.20 -17.62
CA GLU A 148 -18.73 34.35 -18.12
C GLU A 148 -18.43 34.35 -19.62
N ALA A 149 -18.16 33.16 -20.18
CA ALA A 149 -17.81 33.01 -21.58
C ALA A 149 -19.03 33.03 -22.52
N GLY A 150 -20.23 33.14 -21.94
CA GLY A 150 -21.46 33.14 -22.71
C GLY A 150 -21.94 31.76 -23.14
N LYS A 151 -21.43 30.70 -22.49
CA LYS A 151 -21.89 29.34 -22.76
C LYS A 151 -23.14 29.10 -21.93
N ILE A 152 -24.24 28.71 -22.58
CA ILE A 152 -25.47 28.41 -21.86
C ILE A 152 -25.56 26.93 -21.52
N TYR A 153 -26.04 26.66 -20.32
CA TYR A 153 -26.24 25.31 -19.81
C TYR A 153 -27.72 25.11 -19.53
N GLN A 154 -28.28 24.05 -20.07
CA GLN A 154 -29.68 23.70 -19.85
C GLN A 154 -29.80 22.19 -19.67
N LEU A 155 -30.96 21.76 -19.16
CA LEU A 155 -31.21 20.34 -19.03
C LEU A 155 -31.38 19.71 -20.40
N LYS A 156 -30.76 18.56 -20.58
CA LYS A 156 -30.93 17.77 -21.78
C LYS A 156 -32.13 16.86 -21.57
N PRO A 157 -32.60 16.19 -22.64
CA PRO A 157 -33.67 15.23 -22.49
C PRO A 157 -33.37 14.16 -21.44
N ASN A 158 -34.39 13.75 -20.71
CA ASN A 158 -34.29 12.63 -19.79
C ASN A 158 -33.27 12.89 -18.69
N PRO A 159 -33.47 13.97 -17.92
CA PRO A 159 -32.56 14.21 -16.82
C PRO A 159 -32.68 13.15 -15.74
N ALA A 160 -31.64 13.06 -14.93
CA ALA A 160 -31.63 12.07 -13.85
C ALA A 160 -32.73 12.33 -12.84
N VAL A 161 -33.09 11.30 -12.09
CA VAL A 161 -34.04 11.44 -11.00
C VAL A 161 -33.37 12.26 -9.88
N LEU A 162 -34.12 13.16 -9.27
CA LEU A 162 -33.57 14.03 -8.23
C LEU A 162 -33.91 13.55 -6.83
N ILE A 163 -32.89 13.49 -5.97
CA ILE A 163 -33.03 13.20 -4.55
C ILE A 163 -32.29 14.29 -3.78
N CYS A 164 -32.86 14.72 -2.67
CA CYS A 164 -32.33 15.85 -1.87
C CYS A 164 -31.72 15.33 -0.57
N ARG A 165 -30.42 15.56 -0.35
CA ARG A 165 -29.83 15.25 0.96
C ARG A 165 -29.88 16.46 1.87
N VAL A 166 -30.58 16.30 3.00
CA VAL A 166 -30.74 17.35 4.00
C VAL A 166 -29.61 17.31 5.03
N ARG A 167 -29.41 18.45 5.71
CA ARG A 167 -28.53 18.50 6.89
C ARG A 167 -28.94 17.51 7.98
N GLY A 168 -27.96 17.00 8.71
CA GLY A 168 -28.22 16.06 9.80
C GLY A 168 -28.83 16.70 11.04
N LEU A 169 -29.28 15.82 11.94
CA LEU A 169 -30.09 16.21 13.12
C LEU A 169 -29.36 17.14 14.09
N HIS A 170 -28.04 17.09 14.10
CA HIS A 170 -27.24 17.94 14.98
C HIS A 170 -27.08 19.37 14.50
N LEU A 171 -27.37 19.66 13.23
CA LEU A 171 -27.01 20.97 12.65
C LEU A 171 -28.08 22.03 12.88
N PRO A 172 -27.68 23.19 13.44
CA PRO A 172 -28.59 24.30 13.54
C PRO A 172 -28.68 25.08 12.24
N GLU A 173 -29.83 25.69 12.00
CA GLU A 173 -29.95 26.72 10.98
C GLU A 173 -30.14 28.01 11.76
N LYS A 174 -29.04 28.76 11.94
CA LYS A 174 -29.03 29.88 12.90
C LYS A 174 -29.68 31.15 12.39
N HIS A 175 -30.06 31.19 11.12
CA HIS A 175 -30.68 32.40 10.57
C HIS A 175 -32.19 32.38 10.68
N VAL A 176 -32.72 31.30 11.27
CA VAL A 176 -34.13 31.19 11.58
C VAL A 176 -34.22 30.67 12.99
N THR A 177 -34.90 31.39 13.88
CA THR A 177 -34.96 30.97 15.27
C THR A 177 -36.38 30.76 15.73
N TRP A 178 -36.51 29.96 16.78
CA TRP A 178 -37.79 29.65 17.39
C TRP A 178 -37.53 29.54 18.87
N ARG A 179 -38.29 30.27 19.68
CA ARG A 179 -38.07 30.32 21.13
C ARG A 179 -36.61 30.67 21.46
N GLY A 180 -36.02 31.58 20.69
CA GLY A 180 -34.67 32.08 20.93
C GLY A 180 -33.52 31.18 20.51
N GLU A 181 -33.83 30.04 19.88
CA GLU A 181 -32.78 29.10 19.46
C GLU A 181 -32.88 28.83 17.97
N ALA A 182 -31.75 28.53 17.35
CA ALA A 182 -31.71 28.11 15.95
C ALA A 182 -32.66 26.95 15.75
N ILE A 183 -33.35 26.93 14.61
CA ILE A 183 -34.17 25.75 14.27
C ILE A 183 -33.29 24.64 13.72
N PRO A 184 -33.84 23.40 13.67
CA PRO A 184 -33.04 22.35 13.05
C PRO A 184 -32.86 22.55 11.55
N GLY A 185 -31.62 22.50 11.08
CA GLY A 185 -31.36 22.52 9.65
C GLY A 185 -32.04 21.40 8.88
N SER A 186 -32.16 20.23 9.51
CA SER A 186 -32.83 19.08 8.90
C SER A 186 -34.25 19.46 8.50
N LEU A 187 -34.95 20.17 9.38
CA LEU A 187 -36.35 20.57 9.08
C LEU A 187 -36.41 21.68 8.03
N PHE A 188 -35.48 22.61 8.09
CA PHE A 188 -35.41 23.67 7.10
C PHE A 188 -35.24 23.10 5.69
N ASP A 189 -34.27 22.21 5.53
CA ASP A 189 -33.93 21.69 4.20
C ASP A 189 -35.07 20.81 3.68
N PHE A 190 -35.59 19.96 4.54
CA PHE A 190 -36.68 19.06 4.19
C PHE A 190 -37.94 19.86 3.82
N ALA A 191 -38.32 20.79 4.69
CA ALA A 191 -39.58 21.50 4.52
C ALA A 191 -39.61 22.23 3.20
N LEU A 192 -38.53 22.91 2.87
CA LEU A 192 -38.55 23.78 1.71
C LEU A 192 -38.46 22.99 0.39
N TYR A 193 -37.63 21.95 0.34
CA TYR A 193 -37.56 21.12 -0.87
C TYR A 193 -38.91 20.42 -1.10
N PHE A 194 -39.45 19.82 -0.05
CA PHE A 194 -40.76 19.17 -0.14
C PHE A 194 -41.85 20.17 -0.55
N PHE A 195 -41.95 21.29 0.17
CA PHE A 195 -43.04 22.24 -0.05
C PHE A 195 -43.05 22.83 -1.47
N HIS A 196 -41.89 23.25 -1.91
CA HIS A 196 -41.80 23.91 -3.20
C HIS A 196 -41.94 22.96 -4.39
N ASN A 197 -41.70 21.66 -4.18
CA ASN A 197 -41.58 20.76 -5.31
C ASN A 197 -42.53 19.55 -5.36
N TYR A 198 -43.26 19.28 -4.28
CA TYR A 198 -44.04 18.02 -4.28
C TYR A 198 -45.06 17.97 -5.42
N GLN A 199 -45.67 19.11 -5.75
CA GLN A 199 -46.72 19.11 -6.75
C GLN A 199 -46.15 18.73 -8.12
N ALA A 200 -45.07 19.39 -8.52
CA ALA A 200 -44.48 19.16 -9.83
C ALA A 200 -43.83 17.79 -9.90
N LEU A 201 -43.23 17.36 -8.81
CA LEU A 201 -42.61 16.03 -8.80
C LEU A 201 -43.66 14.95 -9.01
N LEU A 202 -44.78 15.07 -8.30
CA LEU A 202 -45.85 14.10 -8.41
C LEU A 202 -46.52 14.13 -9.78
N ALA A 203 -46.72 15.33 -10.31
CA ALA A 203 -47.36 15.51 -11.62
C ALA A 203 -46.59 14.79 -12.71
N LYS A 204 -45.26 14.77 -12.62
CA LYS A 204 -44.44 14.13 -13.66
C LYS A 204 -44.13 12.64 -13.40
N GLY A 205 -44.75 12.08 -12.38
CA GLY A 205 -44.63 10.68 -12.07
C GLY A 205 -43.44 10.35 -11.18
N SER A 206 -42.82 11.39 -10.60
CA SER A 206 -41.75 11.20 -9.62
C SER A 206 -42.34 11.46 -8.23
N GLY A 207 -41.49 11.84 -7.30
CA GLY A 207 -41.96 12.15 -5.97
C GLY A 207 -40.91 12.91 -5.19
N PRO A 208 -41.25 13.38 -3.98
CA PRO A 208 -40.29 14.07 -3.13
C PRO A 208 -39.38 13.07 -2.44
N TYR A 209 -38.13 13.00 -2.91
CA TYR A 209 -37.20 11.99 -2.45
C TYR A 209 -36.04 12.62 -1.70
N PHE A 210 -35.62 11.95 -0.62
CA PHE A 210 -34.60 12.46 0.28
C PHE A 210 -33.52 11.44 0.57
N TYR A 211 -32.32 11.93 0.83
CA TYR A 211 -31.26 11.17 1.46
C TYR A 211 -31.14 11.69 2.88
N LEU A 212 -31.19 10.80 3.86
CA LEU A 212 -31.13 11.17 5.27
C LEU A 212 -29.80 10.72 5.84
N PRO A 213 -29.00 11.65 6.37
CA PRO A 213 -27.68 11.35 6.86
C PRO A 213 -27.55 11.15 8.36
N LYS A 214 -26.46 10.46 8.71
CA LYS A 214 -25.93 10.40 10.06
C LYS A 214 -26.90 9.88 11.15
N THR A 215 -27.89 9.07 10.77
CA THR A 215 -28.82 8.49 11.74
C THR A 215 -28.04 7.62 12.72
N GLN A 216 -28.41 7.65 13.99
CA GLN A 216 -27.78 6.81 15.01
C GLN A 216 -28.71 5.75 15.59
N SER A 217 -30.02 5.94 15.47
CA SER A 217 -30.97 5.01 16.10
C SER A 217 -32.26 4.89 15.33
N TRP A 218 -32.99 3.79 15.60
CA TRP A 218 -34.30 3.61 15.01
C TRP A 218 -35.30 4.66 15.46
N GLN A 219 -35.12 5.20 16.69
CA GLN A 219 -36.02 6.24 17.16
C GLN A 219 -35.86 7.52 16.33
N GLU A 220 -34.65 7.77 15.86
CA GLU A 220 -34.42 8.90 14.97
C GLU A 220 -35.14 8.66 13.63
N ALA A 221 -35.09 7.42 13.14
CA ALA A 221 -35.85 7.03 11.94
C ALA A 221 -37.35 7.20 12.16
N ALA A 222 -37.84 6.84 13.33
CA ALA A 222 -39.24 7.01 13.66
C ALA A 222 -39.65 8.48 13.63
N TRP A 223 -38.75 9.36 14.05
CA TRP A 223 -39.02 10.81 14.05
C TRP A 223 -39.18 11.28 12.61
N TRP A 224 -38.29 10.85 11.74
CA TRP A 224 -38.46 11.17 10.32
C TRP A 224 -39.79 10.66 9.77
N SER A 225 -40.18 9.45 10.16
CA SER A 225 -41.44 8.90 9.71
C SER A 225 -42.60 9.79 10.14
N GLU A 226 -42.51 10.35 11.35
CA GLU A 226 -43.55 11.26 11.86
C GLU A 226 -43.56 12.57 11.06
N VAL A 227 -42.38 13.10 10.80
CA VAL A 227 -42.22 14.30 10.00
C VAL A 227 -42.83 14.13 8.61
N PHE A 228 -42.49 13.01 7.95
CA PHE A 228 -42.98 12.70 6.62
C PHE A 228 -44.49 12.53 6.63
N SER A 229 -45.01 11.79 7.60
CA SER A 229 -46.46 11.56 7.65
C SER A 229 -47.22 12.87 7.88
N TYR A 230 -46.69 13.72 8.73
CA TYR A 230 -47.30 15.03 8.94
C TYR A 230 -47.33 15.83 7.64
N ALA A 231 -46.20 15.85 6.93
CA ALA A 231 -46.11 16.59 5.69
C ALA A 231 -47.08 16.07 4.65
N GLU A 232 -47.15 14.74 4.50
CA GLU A 232 -48.08 14.11 3.55
C GLU A 232 -49.51 14.52 3.89
N ASP A 233 -49.88 14.37 5.16
CA ASP A 233 -51.25 14.64 5.56
C ASP A 233 -51.62 16.11 5.36
N ARG A 234 -50.66 16.99 5.63
CA ARG A 234 -50.90 18.44 5.51
C ARG A 234 -51.37 18.81 4.11
N PHE A 235 -50.81 18.13 3.10
CA PHE A 235 -51.14 18.43 1.72
C PHE A 235 -51.91 17.27 1.07
N ASN A 236 -52.53 16.45 1.91
CA ASN A 236 -53.44 15.42 1.45
C ASN A 236 -52.83 14.49 0.44
N LEU A 237 -51.60 14.04 0.72
CA LEU A 237 -50.92 13.10 -0.13
C LEU A 237 -51.08 11.71 0.44
N PRO A 238 -51.05 10.69 -0.43
CA PRO A 238 -51.10 9.35 0.08
C PRO A 238 -49.89 9.01 0.97
N ARG A 239 -50.11 8.16 1.95
CA ARG A 239 -49.03 7.69 2.81
C ARG A 239 -47.92 7.04 1.97
N GLY A 240 -46.68 7.38 2.29
CA GLY A 240 -45.53 6.84 1.57
C GLY A 240 -45.19 7.54 0.26
N THR A 241 -45.82 8.68 0.00
CA THR A 241 -45.44 9.53 -1.10
C THR A 241 -43.98 10.00 -0.99
N ILE A 242 -43.60 10.45 0.20
CA ILE A 242 -42.21 10.82 0.45
C ILE A 242 -41.39 9.56 0.57
N LYS A 243 -40.30 9.46 -0.20
CA LYS A 243 -39.41 8.30 -0.12
C LYS A 243 -37.98 8.70 0.23
N ALA A 244 -37.44 8.03 1.24
CA ALA A 244 -36.10 8.30 1.75
C ALA A 244 -35.17 7.11 1.55
N THR A 245 -33.92 7.42 1.26
CA THR A 245 -32.81 6.49 1.32
C THR A 245 -31.96 6.97 2.50
N LEU A 246 -31.61 6.04 3.39
CA LEU A 246 -31.02 6.41 4.68
C LEU A 246 -29.61 5.87 4.77
N LEU A 247 -28.65 6.76 4.93
CA LEU A 247 -27.26 6.38 5.04
C LEU A 247 -27.01 5.68 6.38
N ILE A 248 -26.40 4.51 6.33
CA ILE A 248 -25.85 3.85 7.50
C ILE A 248 -24.39 4.20 7.49
N GLU A 249 -24.10 5.18 8.33
CA GLU A 249 -22.84 5.88 8.33
C GLU A 249 -22.45 6.32 9.72
N THR A 250 -23.01 5.65 10.72
CA THR A 250 -22.55 5.77 12.11
C THR A 250 -22.46 4.37 12.66
N LEU A 251 -21.55 4.17 13.59
CA LEU A 251 -21.35 2.86 14.17
C LEU A 251 -22.59 2.38 14.94
N PRO A 252 -23.25 3.24 15.71
CA PRO A 252 -24.50 2.75 16.34
C PRO A 252 -25.55 2.25 15.34
N ALA A 253 -25.63 2.90 14.19
CA ALA A 253 -26.68 2.57 13.23
C ALA A 253 -26.51 1.19 12.58
N VAL A 254 -25.27 0.70 12.48
CA VAL A 254 -25.09 -0.61 11.84
C VAL A 254 -25.72 -1.76 12.63
N PHE A 255 -26.00 -1.53 13.90
CA PHE A 255 -26.65 -2.50 14.75
C PHE A 255 -28.16 -2.41 14.77
N GLN A 256 -28.71 -1.42 14.04
CA GLN A 256 -30.13 -1.09 14.13
C GLN A 256 -30.72 -0.95 12.74
N MET A 257 -30.14 -1.63 11.74
CA MET A 257 -30.60 -1.43 10.36
C MET A 257 -31.99 -1.97 10.15
N ASP A 258 -32.30 -3.10 10.75
CA ASP A 258 -33.63 -3.68 10.56
C ASP A 258 -34.68 -2.84 11.29
N GLU A 259 -34.36 -2.39 12.49
CA GLU A 259 -35.25 -1.51 13.27
C GLU A 259 -35.48 -0.17 12.57
N ILE A 260 -34.44 0.34 11.92
CA ILE A 260 -34.54 1.55 11.13
C ILE A 260 -35.45 1.36 9.93
N LEU A 261 -35.24 0.27 9.20
CA LEU A 261 -36.11 -0.02 8.07
C LEU A 261 -37.56 -0.17 8.50
N HIS A 262 -37.78 -0.81 9.64
CA HIS A 262 -39.12 -1.02 10.14
C HIS A 262 -39.78 0.30 10.58
N ALA A 263 -39.04 1.14 11.30
CA ALA A 263 -39.55 2.41 11.79
C ALA A 263 -39.93 3.36 10.66
N LEU A 264 -39.24 3.24 9.52
CA LEU A 264 -39.50 4.11 8.37
CA LEU A 264 -39.48 4.09 8.35
C LEU A 264 -40.13 3.33 7.19
N ARG A 265 -40.75 2.18 7.50
CA ARG A 265 -41.20 1.26 6.46
C ARG A 265 -42.09 1.88 5.37
N ASP A 266 -42.93 2.87 5.73
CA ASP A 266 -43.81 3.49 4.74
C ASP A 266 -43.09 4.41 3.78
N HIS A 267 -41.90 4.88 4.18
CA HIS A 267 -41.18 5.90 3.43
C HIS A 267 -39.82 5.47 2.87
N ILE A 268 -39.25 4.43 3.44
CA ILE A 268 -37.87 4.11 3.12
C ILE A 268 -37.80 3.18 1.89
N VAL A 269 -36.81 3.44 1.00
CA VAL A 269 -36.62 2.59 -0.17
C VAL A 269 -35.22 1.99 -0.21
N GLY A 270 -34.37 2.30 0.76
CA GLY A 270 -33.04 1.80 0.71
C GLY A 270 -32.19 2.29 1.85
N LEU A 271 -31.11 1.58 2.14
CA LEU A 271 -30.02 2.05 2.99
C LEU A 271 -28.78 2.23 2.08
N ASN A 272 -27.80 2.99 2.55
CA ASN A 272 -26.58 3.28 1.80
C ASN A 272 -25.36 3.18 2.73
N CYS A 273 -24.29 2.52 2.27
CA CYS A 273 -23.07 2.45 3.03
C CYS A 273 -22.28 3.72 2.82
N GLY A 274 -22.51 4.70 3.70
CA GLY A 274 -21.77 5.97 3.77
C GLY A 274 -20.45 5.68 4.47
N ARG A 275 -19.50 5.11 3.72
CA ARG A 275 -18.26 4.59 4.31
C ARG A 275 -17.43 5.65 5.07
N TRP A 276 -17.42 6.89 4.59
CA TRP A 276 -16.51 7.88 5.18
C TRP A 276 -17.01 8.38 6.54
N ASP A 277 -18.29 8.73 6.59
CA ASP A 277 -18.91 8.99 7.88
C ASP A 277 -18.81 7.77 8.80
N TYR A 278 -18.91 6.57 8.23
CA TYR A 278 -18.87 5.39 9.05
C TYR A 278 -17.52 5.26 9.73
N ILE A 279 -16.44 5.46 8.97
CA ILE A 279 -15.08 5.38 9.52
C ILE A 279 -14.86 6.45 10.60
N PHE A 280 -15.28 7.67 10.29
CA PHE A 280 -15.27 8.79 11.25
C PHE A 280 -16.01 8.36 12.52
N SER A 281 -17.22 7.81 12.37
CA SER A 281 -17.99 7.39 13.51
C SER A 281 -17.34 6.23 14.28
N TYR A 282 -16.69 5.32 13.57
CA TYR A 282 -15.97 4.23 14.25
C TYR A 282 -14.97 4.82 15.26
N ILE A 283 -14.19 5.80 14.81
CA ILE A 283 -13.21 6.46 15.69
C ILE A 283 -13.89 7.22 16.87
N LYS A 284 -14.90 8.00 16.56
CA LYS A 284 -15.60 8.79 17.58
C LYS A 284 -16.26 7.90 18.61
N THR A 285 -16.98 6.90 18.12
CA THR A 285 -17.78 6.04 18.97
C THR A 285 -16.89 5.18 19.88
N LEU A 286 -15.74 4.75 19.36
CA LEU A 286 -14.84 3.89 20.12
C LEU A 286 -13.64 4.67 20.64
N LYS A 287 -13.85 5.95 20.87
CA LYS A 287 -12.77 6.84 21.27
C LYS A 287 -12.07 6.41 22.55
N ASN A 288 -12.76 5.68 23.41
CA ASN A 288 -12.20 5.34 24.73
C ASN A 288 -11.59 3.94 24.76
N TYR A 289 -11.40 3.31 23.60
CA TYR A 289 -10.87 1.97 23.48
C TYR A 289 -9.50 2.00 22.80
N PRO A 290 -8.40 1.85 23.57
CA PRO A 290 -7.07 1.97 22.94
C PRO A 290 -6.73 0.92 21.88
N ASP A 291 -7.46 -0.18 21.83
CA ASP A 291 -7.21 -1.21 20.83
C ASP A 291 -8.04 -1.03 19.55
N ARG A 292 -8.83 0.05 19.48
CA ARG A 292 -9.65 0.32 18.30
C ARG A 292 -9.12 1.52 17.53
N VAL A 293 -7.81 1.77 17.60
CA VAL A 293 -7.22 2.91 16.91
C VAL A 293 -7.00 2.55 15.44
N LEU A 294 -7.48 3.43 14.55
CA LEU A 294 -7.34 3.19 13.13
C LEU A 294 -6.03 3.76 12.61
N PRO A 295 -5.47 3.15 11.56
CA PRO A 295 -4.19 3.56 11.00
C PRO A 295 -4.30 4.74 10.04
N ASP A 296 -3.22 5.01 9.30
CA ASP A 296 -3.22 6.04 8.25
C ASP A 296 -4.51 5.93 7.44
N ARG A 297 -5.11 7.07 7.13
CA ARG A 297 -6.42 7.08 6.50
C ARG A 297 -6.50 6.26 5.20
N GLN A 298 -5.46 6.37 4.37
CA GLN A 298 -5.47 5.71 3.06
C GLN A 298 -5.47 4.18 3.19
N ALA A 299 -5.13 3.65 4.36
CA ALA A 299 -5.12 2.22 4.62
C ALA A 299 -6.50 1.66 4.99
N VAL A 300 -7.46 2.53 5.27
CA VAL A 300 -8.75 2.09 5.78
C VAL A 300 -9.68 1.93 4.58
N THR A 301 -9.62 0.76 3.97
CA THR A 301 -10.27 0.47 2.71
C THR A 301 -11.38 -0.57 2.90
N MET A 302 -12.29 -0.66 1.92
CA MET A 302 -13.52 -1.45 2.11
C MET A 302 -13.29 -2.96 2.13
N ASP A 303 -12.10 -3.40 1.74
CA ASP A 303 -11.75 -4.83 1.83
C ASP A 303 -11.36 -5.26 3.22
N LYS A 304 -11.13 -4.32 4.13
CA LYS A 304 -10.80 -4.67 5.50
C LYS A 304 -12.00 -5.34 6.15
N PRO A 305 -11.75 -6.36 6.98
CA PRO A 305 -12.84 -7.17 7.53
C PRO A 305 -14.03 -6.39 8.08
N PHE A 306 -13.80 -5.40 8.94
CA PHE A 306 -14.92 -4.74 9.60
C PHE A 306 -15.79 -3.99 8.61
N LEU A 307 -15.17 -3.46 7.56
CA LEU A 307 -15.90 -2.71 6.55
C LEU A 307 -16.62 -3.62 5.57
N ASN A 308 -15.97 -4.73 5.18
CA ASN A 308 -16.61 -5.72 4.33
C ASN A 308 -17.84 -6.32 5.04
N ALA A 309 -17.72 -6.56 6.35
CA ALA A 309 -18.83 -7.10 7.14
C ALA A 309 -19.99 -6.13 7.16
N TYR A 310 -19.68 -4.84 7.35
CA TYR A 310 -20.69 -3.79 7.31
C TYR A 310 -21.45 -3.78 5.99
N SER A 311 -20.73 -3.82 4.88
CA SER A 311 -21.39 -3.87 3.57
C SER A 311 -22.22 -5.14 3.35
N ARG A 312 -21.66 -6.30 3.67
CA ARG A 312 -22.40 -7.53 3.46
C ARG A 312 -23.63 -7.61 4.36
N LEU A 313 -23.55 -7.07 5.58
CA LEU A 313 -24.71 -7.12 6.46
C LEU A 313 -25.80 -6.17 5.93
N LEU A 314 -25.35 -4.98 5.52
CA LEU A 314 -26.31 -4.01 4.96
C LEU A 314 -27.03 -4.59 3.72
N ILE A 315 -26.29 -5.25 2.85
CA ILE A 315 -26.86 -5.85 1.64
C ILE A 315 -27.91 -6.91 2.01
N LYS A 316 -27.53 -7.84 2.87
CA LYS A 316 -28.46 -8.91 3.27
C LYS A 316 -29.70 -8.32 3.95
N THR A 317 -29.50 -7.35 4.84
CA THR A 317 -30.60 -6.82 5.61
C THR A 317 -31.58 -6.05 4.72
N CYS A 318 -31.04 -5.22 3.84
CA CYS A 318 -31.88 -4.45 2.91
C CYS A 318 -32.70 -5.41 2.03
N HIS A 319 -32.02 -6.38 1.46
CA HIS A 319 -32.70 -7.26 0.51
C HIS A 319 -33.76 -8.12 1.18
N LYS A 320 -33.53 -8.51 2.43
CA LYS A 320 -34.54 -9.25 3.20
CA LYS A 320 -34.52 -9.23 3.24
C LYS A 320 -35.84 -8.48 3.27
N ARG A 321 -35.74 -7.14 3.30
CA ARG A 321 -36.90 -6.29 3.43
C ARG A 321 -37.36 -5.67 2.11
N GLY A 322 -36.79 -6.11 0.99
CA GLY A 322 -37.15 -5.51 -0.29
C GLY A 322 -36.68 -4.08 -0.50
N ALA A 323 -35.66 -3.69 0.23
CA ALA A 323 -35.08 -2.35 0.11
C ALA A 323 -33.76 -2.36 -0.64
N PHE A 324 -33.40 -1.25 -1.28
CA PHE A 324 -32.14 -1.14 -1.95
C PHE A 324 -31.00 -1.13 -0.96
N ALA A 325 -29.84 -1.55 -1.40
CA ALA A 325 -28.57 -1.51 -0.65
C ALA A 325 -27.59 -0.75 -1.53
N MET A 326 -27.51 0.55 -1.31
CA MET A 326 -26.70 1.43 -2.14
C MET A 326 -25.26 1.45 -1.65
N GLY A 327 -24.32 1.40 -2.58
CA GLY A 327 -22.91 1.59 -2.27
C GLY A 327 -22.53 3.04 -2.12
N GLY A 328 -21.25 3.25 -1.89
CA GLY A 328 -20.71 4.57 -1.60
C GLY A 328 -19.72 5.00 -2.67
N MET A 329 -18.80 5.88 -2.29
N MET A 329 -18.81 5.89 -2.32
CA MET A 329 -17.88 6.48 -3.26
CA MET A 329 -17.88 6.38 -3.32
C MET A 329 -16.45 6.43 -2.77
C MET A 329 -16.46 6.41 -2.79
N ALA A 330 -15.52 6.38 -3.73
CA ALA A 330 -14.11 6.17 -3.45
C ALA A 330 -13.35 7.47 -3.23
N ALA A 331 -13.90 8.58 -3.72
CA ALA A 331 -13.33 9.94 -3.50
C ALA A 331 -12.06 10.28 -4.28
N PHE A 332 -11.74 9.48 -5.29
CA PHE A 332 -10.65 9.83 -6.22
C PHE A 332 -11.19 10.71 -7.32
N ILE A 333 -10.49 11.80 -7.60
CA ILE A 333 -10.84 12.71 -8.69
C ILE A 333 -10.17 12.22 -9.98
N PRO A 334 -10.90 12.23 -11.12
CA PRO A 334 -10.22 11.94 -12.38
C PRO A 334 -9.07 12.90 -12.62
N SER A 335 -8.08 12.46 -13.40
CA SER A 335 -6.91 13.28 -13.71
C SER A 335 -7.00 13.80 -15.14
N LYS A 336 -6.49 15.01 -15.35
CA LYS A 336 -6.41 15.60 -16.69
C LYS A 336 -5.30 14.94 -17.51
N ASP A 337 -4.36 14.29 -16.84
CA ASP A 337 -3.34 13.46 -17.48
C ASP A 337 -3.91 12.07 -17.78
N GLU A 338 -3.76 11.61 -19.01
CA GLU A 338 -4.40 10.37 -19.47
C GLU A 338 -3.86 9.13 -18.77
N GLU A 339 -2.55 9.04 -18.67
CA GLU A 339 -1.88 7.91 -18.02
C GLU A 339 -2.29 7.83 -16.55
N HIS A 340 -2.24 8.96 -15.88
CA HIS A 340 -2.63 9.01 -14.49
C HIS A 340 -4.12 8.71 -14.34
N ASN A 341 -4.94 9.25 -15.24
CA ASN A 341 -6.37 8.97 -15.17
C ASN A 341 -6.67 7.50 -15.34
N ASN A 342 -5.91 6.81 -16.18
CA ASN A 342 -6.07 5.37 -16.36
C ASN A 342 -5.94 4.63 -15.04
N GLN A 343 -4.94 5.03 -14.24
CA GLN A 343 -4.72 4.43 -12.93
C GLN A 343 -5.88 4.74 -11.99
N VAL A 344 -6.38 5.97 -12.04
CA VAL A 344 -7.52 6.36 -11.22
C VAL A 344 -8.74 5.53 -11.58
N LEU A 345 -9.05 5.44 -12.87
CA LEU A 345 -10.22 4.68 -13.29
C LEU A 345 -10.11 3.20 -12.97
N ASN A 346 -8.90 2.64 -13.06
CA ASN A 346 -8.70 1.24 -12.70
C ASN A 346 -8.97 0.99 -11.20
N LYS A 347 -8.56 1.92 -10.34
CA LYS A 347 -8.86 1.73 -8.93
C LYS A 347 -10.34 1.98 -8.62
N VAL A 348 -10.97 2.91 -9.35
CA VAL A 348 -12.40 3.14 -9.18
C VAL A 348 -13.15 1.90 -9.64
N LYS A 349 -12.76 1.34 -10.78
CA LYS A 349 -13.35 0.11 -11.31
C LYS A 349 -13.26 -1.03 -10.30
N ALA A 350 -12.09 -1.20 -9.70
CA ALA A 350 -11.89 -2.21 -8.68
C ALA A 350 -12.84 -2.03 -7.50
N ASP A 351 -12.95 -0.79 -7.03
CA ASP A 351 -13.83 -0.47 -5.91
C ASP A 351 -15.29 -0.80 -6.26
N LYS A 352 -15.73 -0.40 -7.44
CA LYS A 352 -17.11 -0.68 -7.86
C LYS A 352 -17.37 -2.17 -8.07
N SER A 353 -16.38 -2.89 -8.57
CA SER A 353 -16.52 -4.32 -8.82
CA SER A 353 -16.53 -4.32 -8.82
C SER A 353 -16.74 -5.03 -7.48
N LEU A 354 -16.05 -4.59 -6.44
CA LEU A 354 -16.26 -5.22 -5.14
C LEU A 354 -17.72 -5.03 -4.72
N GLU A 355 -18.23 -3.79 -4.86
CA GLU A 355 -19.62 -3.52 -4.48
C GLU A 355 -20.64 -4.30 -5.30
N ALA A 356 -20.46 -4.30 -6.61
CA ALA A 356 -21.39 -5.00 -7.49
C ALA A 356 -21.37 -6.51 -7.21
N ASN A 357 -20.21 -7.08 -7.05
CA ASN A 357 -20.11 -8.53 -6.78
C ASN A 357 -20.67 -8.93 -5.43
N ASN A 358 -20.60 -8.01 -4.46
CA ASN A 358 -21.21 -8.28 -3.16
C ASN A 358 -22.73 -8.21 -3.15
N GLY A 359 -23.33 -7.52 -4.13
CA GLY A 359 -24.77 -7.41 -4.20
C GLY A 359 -25.36 -6.00 -4.03
N HIS A 360 -24.53 -4.97 -3.96
CA HIS A 360 -25.09 -3.60 -3.92
C HIS A 360 -25.91 -3.32 -5.18
N ASP A 361 -27.03 -2.62 -5.03
CA ASP A 361 -27.91 -2.33 -6.17
C ASP A 361 -27.39 -1.21 -7.06
N GLY A 362 -26.52 -0.36 -6.51
CA GLY A 362 -25.90 0.70 -7.25
C GLY A 362 -24.84 1.35 -6.41
N THR A 363 -24.25 2.42 -6.93
CA THR A 363 -23.09 3.04 -6.31
C THR A 363 -23.12 4.53 -6.52
N TRP A 364 -22.23 5.22 -5.82
CA TRP A 364 -22.08 6.66 -5.92
C TRP A 364 -20.85 7.04 -6.69
N ILE A 365 -20.95 8.17 -7.37
CA ILE A 365 -19.80 8.91 -7.88
C ILE A 365 -19.97 10.38 -7.53
N ALA A 366 -18.86 11.11 -7.51
CA ALA A 366 -18.91 12.55 -7.23
C ALA A 366 -18.29 13.39 -8.33
N HIS A 367 -18.13 12.81 -9.51
CA HIS A 367 -17.58 13.53 -10.67
C HIS A 367 -18.08 12.82 -11.92
N PRO A 368 -18.59 13.59 -12.91
CA PRO A 368 -19.08 12.93 -14.13
C PRO A 368 -18.06 12.07 -14.89
N GLY A 369 -16.78 12.38 -14.74
CA GLY A 369 -15.70 11.60 -15.35
C GLY A 369 -15.54 10.17 -14.86
N LEU A 370 -16.25 9.83 -13.79
CA LEU A 370 -16.28 8.48 -13.25
C LEU A 370 -17.51 7.70 -13.70
N ALA A 371 -18.47 8.36 -14.33
CA ALA A 371 -19.75 7.71 -14.62
C ALA A 371 -19.60 6.50 -15.54
N ASP A 372 -18.81 6.63 -16.61
CA ASP A 372 -18.71 5.53 -17.58
C ASP A 372 -18.13 4.29 -16.94
N THR A 373 -17.11 4.48 -16.11
CA THR A 373 -16.50 3.40 -15.37
C THR A 373 -17.47 2.70 -14.44
N ALA A 374 -18.18 3.49 -13.64
CA ALA A 374 -19.14 2.93 -12.68
C ALA A 374 -20.30 2.24 -13.40
N MET A 375 -20.81 2.89 -14.45
CA MET A 375 -21.90 2.30 -15.24
C MET A 375 -21.49 0.98 -15.87
N ALA A 376 -20.28 0.90 -16.39
CA ALA A 376 -19.83 -0.34 -17.02
C ALA A 376 -19.78 -1.50 -16.04
N VAL A 377 -19.30 -1.27 -14.84
CA VAL A 377 -19.26 -2.33 -13.85
C VAL A 377 -20.66 -2.81 -13.51
N PHE A 378 -21.58 -1.88 -13.26
CA PHE A 378 -22.94 -2.25 -12.89
C PHE A 378 -23.73 -2.82 -14.07
N ASN A 379 -23.49 -2.30 -15.27
CA ASN A 379 -24.16 -2.82 -16.46
C ASN A 379 -23.79 -4.29 -16.66
N ASP A 380 -22.50 -4.59 -16.46
CA ASP A 380 -22.00 -5.96 -16.62
CA ASP A 380 -22.02 -5.96 -16.63
C ASP A 380 -22.67 -6.89 -15.62
N ILE A 381 -22.68 -6.51 -14.35
CA ILE A 381 -23.21 -7.46 -13.37
C ILE A 381 -24.75 -7.51 -13.33
N LEU A 382 -25.43 -6.40 -13.60
CA LEU A 382 -26.89 -6.37 -13.63
C LEU A 382 -27.50 -7.10 -14.85
N GLY A 383 -26.84 -7.03 -16.00
CA GLY A 383 -27.38 -7.60 -17.23
C GLY A 383 -28.73 -7.00 -17.60
N SER A 384 -29.73 -7.87 -17.78
CA SER A 384 -31.07 -7.44 -18.17
C SER A 384 -31.90 -6.95 -16.97
N ARG A 385 -31.35 -7.05 -15.77
CA ARG A 385 -32.03 -6.64 -14.55
C ARG A 385 -31.76 -5.18 -14.16
N LYS A 386 -32.64 -4.64 -13.33
CA LYS A 386 -32.56 -3.22 -12.98
C LYS A 386 -31.81 -2.98 -11.68
N ASN A 387 -31.73 -4.03 -10.87
CA ASN A 387 -31.14 -3.97 -9.54
C ASN A 387 -30.76 -5.37 -9.09
N GLN A 388 -30.28 -5.51 -7.86
CA GLN A 388 -29.93 -6.82 -7.31
C GLN A 388 -30.76 -7.21 -6.09
N LEU A 389 -32.03 -6.87 -6.10
CA LEU A 389 -32.86 -7.10 -4.93
C LEU A 389 -32.97 -8.55 -4.54
N GLU A 390 -32.76 -9.42 -5.52
CA GLU A 390 -32.86 -10.85 -5.29
C GLU A 390 -31.66 -11.49 -4.57
N VAL A 391 -30.56 -10.76 -4.48
CA VAL A 391 -29.33 -11.26 -3.86
C VAL A 391 -29.46 -11.22 -2.34
N MET A 392 -29.59 -12.39 -1.72
CA MET A 392 -29.87 -12.48 -0.30
CA MET A 392 -29.87 -12.48 -0.30
C MET A 392 -28.63 -12.86 0.50
N ARG A 393 -27.52 -13.13 -0.17
CA ARG A 393 -26.29 -13.57 0.48
C ARG A 393 -26.48 -14.75 1.46
N GLU A 394 -27.23 -15.78 1.04
CA GLU A 394 -27.49 -16.93 1.92
C GLU A 394 -26.22 -17.74 2.20
N GLN A 395 -25.21 -17.59 1.36
CA GLN A 395 -23.90 -18.17 1.64
C GLN A 395 -23.24 -17.62 2.91
N ASP A 396 -23.61 -16.40 3.33
CA ASP A 396 -22.94 -15.77 4.46
C ASP A 396 -23.36 -16.33 5.83
N ALA A 397 -22.37 -16.62 6.66
CA ALA A 397 -22.62 -16.90 8.07
C ALA A 397 -23.11 -15.60 8.76
N PRO A 398 -23.72 -15.73 9.93
CA PRO A 398 -24.14 -14.56 10.68
C PRO A 398 -23.01 -13.57 10.84
N ILE A 399 -23.34 -12.28 10.87
CA ILE A 399 -22.33 -11.26 11.11
C ILE A 399 -22.57 -10.77 12.54
N THR A 400 -21.50 -10.76 13.32
CA THR A 400 -21.59 -10.51 14.74
C THR A 400 -21.03 -9.12 15.10
N ALA A 401 -21.36 -8.65 16.30
CA ALA A 401 -20.77 -7.40 16.81
C ALA A 401 -19.25 -7.48 16.85
N ASP A 402 -18.70 -8.59 17.31
CA ASP A 402 -17.24 -8.71 17.35
C ASP A 402 -16.63 -8.47 15.96
N GLN A 403 -17.30 -8.97 14.91
CA GLN A 403 -16.80 -8.81 13.54
C GLN A 403 -16.92 -7.37 13.05
N LEU A 404 -18.06 -6.74 13.33
CA LEU A 404 -18.29 -5.35 12.96
C LEU A 404 -17.38 -4.39 13.72
N LEU A 405 -16.93 -4.78 14.93
CA LEU A 405 -16.15 -3.88 15.77
C LEU A 405 -14.66 -4.17 15.70
N ALA A 406 -14.27 -5.19 14.93
CA ALA A 406 -12.90 -5.67 14.93
C ALA A 406 -11.90 -4.56 14.66
N PRO A 407 -10.87 -4.41 15.53
CA PRO A 407 -9.86 -3.36 15.60
C PRO A 407 -9.35 -2.73 14.31
N CYS A 408 -8.91 -3.52 13.32
CA CYS A 408 -8.22 -3.02 12.12
C CYS A 408 -6.88 -2.33 12.42
N ASP A 409 -5.84 -3.12 12.62
CA ASP A 409 -4.52 -2.57 12.92
C ASP A 409 -3.73 -2.34 11.64
N GLY A 410 -2.86 -1.34 11.67
CA GLY A 410 -2.05 -0.95 10.52
C GLY A 410 -1.06 0.11 10.92
N GLU A 411 -0.22 0.53 9.98
CA GLU A 411 0.83 1.51 10.27
CA GLU A 411 0.82 1.51 10.28
C GLU A 411 0.25 2.90 10.57
N ARG A 412 0.73 3.50 11.66
CA ARG A 412 0.46 4.89 11.98
C ARG A 412 1.77 5.62 11.70
N THR A 413 1.82 6.39 10.61
CA THR A 413 3.10 6.97 10.17
C THR A 413 3.11 8.49 10.32
N GLU A 414 4.31 9.03 10.44
CA GLU A 414 4.49 10.48 10.49
C GLU A 414 3.90 11.14 9.24
N GLU A 415 4.15 10.53 8.07
CA GLU A 415 3.59 11.02 6.82
C GLU A 415 2.07 11.05 6.90
N GLY A 416 1.50 10.00 7.47
CA GLY A 416 0.04 9.89 7.67
C GLY A 416 -0.51 10.98 8.57
N MET A 417 0.20 11.24 9.67
CA MET A 417 -0.22 12.31 10.58
C MET A 417 -0.15 13.67 9.89
N ARG A 418 0.95 13.96 9.21
CA ARG A 418 1.11 15.25 8.54
C ARG A 418 0.07 15.43 7.43
N ALA A 419 -0.21 14.36 6.70
CA ALA A 419 -1.25 14.41 5.67
C ALA A 419 -2.61 14.73 6.29
N ASN A 420 -2.93 14.10 7.40
CA ASN A 420 -4.19 14.39 8.11
C ASN A 420 -4.28 15.84 8.57
N ILE A 421 -3.16 16.42 9.03
CA ILE A 421 -3.14 17.83 9.41
C ILE A 421 -3.41 18.70 8.19
N ARG A 422 -2.71 18.43 7.09
CA ARG A 422 -2.85 19.23 5.88
C ARG A 422 -4.26 19.15 5.32
N VAL A 423 -4.82 17.95 5.32
CA VAL A 423 -6.18 17.76 4.83
C VAL A 423 -7.20 18.47 5.69
N ALA A 424 -7.14 18.25 7.00
CA ALA A 424 -8.10 18.89 7.92
C ALA A 424 -8.02 20.42 7.87
N VAL A 425 -6.80 20.97 7.90
CA VAL A 425 -6.66 22.42 7.90
C VAL A 425 -7.19 23.00 6.60
N GLN A 426 -6.83 22.39 5.48
CA GLN A 426 -7.27 22.92 4.19
C GLN A 426 -8.78 22.78 4.01
N TYR A 427 -9.34 21.67 4.49
CA TYR A 427 -10.80 21.52 4.45
C TYR A 427 -11.48 22.60 5.29
N ILE A 428 -11.00 22.82 6.52
CA ILE A 428 -11.59 23.84 7.39
C ILE A 428 -11.48 25.23 6.74
N GLU A 429 -10.33 25.51 6.14
CA GLU A 429 -10.15 26.81 5.49
C GLU A 429 -11.16 27.01 4.36
N ALA A 430 -11.38 25.97 3.57
CA ALA A 430 -12.35 26.06 2.48
C ALA A 430 -13.78 26.23 3.02
N TRP A 431 -14.13 25.41 4.01
CA TRP A 431 -15.48 25.38 4.55
C TRP A 431 -15.88 26.72 5.17
N ILE A 432 -14.99 27.31 5.95
CA ILE A 432 -15.29 28.58 6.58
C ILE A 432 -15.34 29.72 5.55
N SER A 433 -14.74 29.49 4.37
CA SER A 433 -14.83 30.43 3.26
C SER A 433 -16.02 30.14 2.33
N GLY A 434 -16.86 29.17 2.68
CA GLY A 434 -18.08 28.87 1.92
C GLY A 434 -18.00 27.74 0.93
N ASN A 435 -16.91 26.97 0.96
CA ASN A 435 -16.68 25.84 0.04
C ASN A 435 -16.60 24.51 0.79
N GLY A 436 -17.66 23.70 0.68
CA GLY A 436 -17.78 22.46 1.45
C GLY A 436 -17.26 21.20 0.75
N CSO A 437 -16.76 21.34 -0.48
CA CSO A 437 -16.16 20.23 -1.19
CB CSO A 437 -17.23 19.64 -2.09
SG CSO A 437 -16.59 18.47 -3.23
C CSO A 437 -15.00 20.73 -1.97
O CSO A 437 -15.17 21.60 -2.82
OD CSO A 437 -16.31 17.13 -2.16
N VAL A 438 -13.81 20.23 -1.69
CA VAL A 438 -12.63 20.69 -2.41
C VAL A 438 -11.67 19.55 -2.77
N PRO A 439 -11.05 19.65 -3.94
CA PRO A 439 -10.05 18.71 -4.35
C PRO A 439 -8.76 19.02 -3.63
N ILE A 440 -8.19 18.02 -2.98
CA ILE A 440 -6.89 18.15 -2.32
C ILE A 440 -6.08 16.90 -2.64
N TYR A 441 -4.91 17.06 -3.24
CA TYR A 441 -4.02 15.92 -3.51
C TYR A 441 -4.70 14.77 -4.26
N GLY A 442 -5.53 15.13 -5.24
CA GLY A 442 -6.21 14.15 -6.08
C GLY A 442 -7.40 13.47 -5.43
N LEU A 443 -7.79 13.94 -4.24
CA LEU A 443 -8.95 13.37 -3.53
C LEU A 443 -10.02 14.42 -3.36
N MET A 444 -11.29 14.00 -3.46
CA MET A 444 -12.41 14.87 -3.12
C MET A 444 -12.58 14.85 -1.59
N GLU A 445 -12.44 16.03 -0.97
CA GLU A 445 -12.59 16.14 0.48
C GLU A 445 -13.90 16.86 0.77
N ASP A 446 -14.77 16.22 1.54
CA ASP A 446 -15.91 16.90 2.13
C ASP A 446 -15.90 16.67 3.65
N ALA A 447 -16.97 17.02 4.35
CA ALA A 447 -16.87 17.06 5.79
C ALA A 447 -16.44 15.71 6.37
N ALA A 448 -17.02 14.60 5.90
CA ALA A 448 -16.74 13.29 6.50
C ALA A 448 -15.28 12.87 6.32
N THR A 449 -14.71 13.12 5.15
CA THR A 449 -13.34 12.66 4.91
C THR A 449 -12.38 13.49 5.77
N ALA A 450 -12.63 14.79 5.87
CA ALA A 450 -11.83 15.64 6.74
C ALA A 450 -12.04 15.28 8.22
N GLU A 451 -13.27 14.90 8.57
CA GLU A 451 -13.57 14.45 9.92
C GLU A 451 -12.72 13.26 10.32
N ILE A 452 -12.55 12.29 9.41
CA ILE A 452 -11.63 11.19 9.70
C ILE A 452 -10.23 11.70 10.05
N SER A 453 -9.72 12.59 9.19
CA SER A 453 -8.37 13.13 9.39
C SER A 453 -8.19 13.84 10.74
N ARG A 454 -9.13 14.70 11.10
CA ARG A 454 -8.95 15.40 12.38
C ARG A 454 -9.19 14.49 13.57
N THR A 455 -10.19 13.60 13.49
CA THR A 455 -10.51 12.71 14.60
CA THR A 455 -10.49 12.71 14.63
C THR A 455 -9.40 11.68 14.81
N SER A 456 -8.78 11.23 13.72
CA SER A 456 -7.68 10.29 13.82
C SER A 456 -6.52 10.89 14.63
N ILE A 457 -6.19 12.15 14.35
CA ILE A 457 -5.07 12.82 15.06
C ILE A 457 -5.43 12.92 16.55
N TRP A 458 -6.64 13.34 16.86
CA TRP A 458 -7.08 13.36 18.25
C TRP A 458 -6.94 11.98 18.92
N GLN A 459 -7.33 10.92 18.21
CA GLN A 459 -7.30 9.57 18.74
C GLN A 459 -5.88 9.12 19.05
N TRP A 460 -4.94 9.45 18.17
CA TRP A 460 -3.56 9.05 18.39
C TRP A 460 -2.98 9.77 19.60
N ILE A 461 -3.33 11.06 19.75
CA ILE A 461 -2.93 11.85 20.94
C ILE A 461 -3.60 11.30 22.20
N HIS A 462 -4.91 11.04 22.14
CA HIS A 462 -5.66 10.57 23.31
C HIS A 462 -5.07 9.31 23.93
N HIS A 463 -4.70 8.35 23.09
CA HIS A 463 -4.17 7.06 23.57
C HIS A 463 -2.65 7.02 23.62
N GLN A 464 -2.02 8.16 23.39
CA GLN A 464 -0.55 8.27 23.45
C GLN A 464 0.06 7.20 22.58
N LYS A 465 -0.44 7.12 21.35
CA LYS A 465 0.06 6.14 20.40
C LYS A 465 1.41 6.60 19.85
N THR A 466 2.24 5.64 19.47
CA THR A 466 3.51 5.94 18.85
C THR A 466 3.34 5.85 17.36
N LEU A 467 4.07 6.69 16.64
CA LEU A 467 4.18 6.58 15.19
C LEU A 467 5.12 5.40 14.88
N SER A 468 5.13 4.95 13.64
CA SER A 468 5.94 3.80 13.24
C SER A 468 7.44 4.05 13.39
N ASN A 469 7.84 5.32 13.40
CA ASN A 469 9.23 5.72 13.66
C ASN A 469 9.54 5.91 15.14
N GLY A 470 8.66 5.43 16.01
CA GLY A 470 8.86 5.50 17.45
C GLY A 470 8.43 6.79 18.15
N LYS A 471 8.13 7.84 17.39
CA LYS A 471 7.77 9.15 17.97
C LYS A 471 6.43 9.07 18.67
N PRO A 472 6.39 9.35 19.99
CA PRO A 472 5.12 9.41 20.69
C PRO A 472 4.24 10.56 20.20
N VAL A 473 2.98 10.27 19.89
CA VAL A 473 2.07 11.31 19.43
C VAL A 473 1.52 12.07 20.65
N THR A 474 1.80 13.37 20.69
CA THR A 474 1.42 14.23 21.80
C THR A 474 0.85 15.54 21.27
N LYS A 475 0.20 16.32 22.15
CA LYS A 475 -0.25 17.66 21.79
C LYS A 475 0.92 18.53 21.32
N ALA A 476 2.06 18.43 22.00
CA ALA A 476 3.28 19.16 21.60
C ALA A 476 3.73 18.83 20.19
N LEU A 477 3.82 17.54 19.88
CA LEU A 477 4.24 17.09 18.56
C LEU A 477 3.27 17.60 17.50
N PHE A 478 1.97 17.53 17.79
CA PHE A 478 0.98 18.05 16.86
C PHE A 478 1.16 19.54 16.59
N ARG A 479 1.35 20.32 17.66
CA ARG A 479 1.49 21.78 17.51
C ARG A 479 2.68 22.16 16.63
N GLN A 480 3.81 21.48 16.82
CA GLN A 480 4.99 21.75 16.00
C GLN A 480 4.72 21.35 14.56
N MET A 481 4.18 20.16 14.35
CA MET A 481 3.85 19.68 13.00
C MET A 481 2.82 20.57 12.31
N LEU A 482 1.87 21.09 13.07
CA LEU A 482 0.89 22.02 12.52
C LEU A 482 1.58 23.22 11.88
N GLY A 483 2.45 23.91 12.62
CA GLY A 483 3.18 25.05 12.04
C GLY A 483 4.02 24.66 10.83
N GLU A 484 4.70 23.53 10.92
CA GLU A 484 5.50 22.99 9.81
C GLU A 484 4.67 22.69 8.59
N GLU A 485 3.49 22.08 8.79
CA GLU A 485 2.65 21.73 7.66
C GLU A 485 1.96 22.96 7.06
N MET A 486 1.76 24.01 7.87
CA MET A 486 1.25 25.26 7.33
C MET A 486 2.23 25.85 6.32
N LYS A 487 3.53 25.72 6.59
CA LYS A 487 4.57 26.14 5.64
C LYS A 487 4.51 25.33 4.35
N VAL A 488 4.26 24.03 4.47
CA VAL A 488 4.10 23.17 3.30
C VAL A 488 2.91 23.62 2.46
N ILE A 489 1.77 23.87 3.13
CA ILE A 489 0.56 24.35 2.45
C ILE A 489 0.80 25.70 1.73
N ALA A 490 1.47 26.63 2.42
CA ALA A 490 1.80 27.93 1.83
C ALA A 490 2.65 27.77 0.57
N SER A 491 3.62 26.86 0.63
CA SER A 491 4.52 26.59 -0.48
C SER A 491 3.80 25.93 -1.66
N GLU A 492 2.84 25.07 -1.36
CA GLU A 492 2.06 24.38 -2.40
C GLU A 492 1.09 25.32 -3.11
N LEU A 493 0.46 26.21 -2.34
CA LEU A 493 -0.60 27.08 -2.87
C LEU A 493 -0.07 28.39 -3.44
N GLY A 494 1.13 28.78 -3.03
CA GLY A 494 1.69 30.07 -3.43
C GLY A 494 1.24 31.18 -2.51
N GLU A 495 1.97 32.29 -2.57
CA GLU A 495 1.78 33.41 -1.64
C GLU A 495 0.42 34.09 -1.76
N GLU A 496 -0.10 34.17 -2.98
CA GLU A 496 -1.35 34.90 -3.23
C GLU A 496 -2.54 34.16 -2.63
N ARG A 497 -2.66 32.89 -3.00
CA ARG A 497 -3.76 32.05 -2.53
C ARG A 497 -3.74 31.90 -1.01
N PHE A 498 -2.55 31.70 -0.45
CA PHE A 498 -2.40 31.46 0.99
C PHE A 498 -2.71 32.71 1.81
N SER A 499 -2.20 33.86 1.38
CA SER A 499 -2.38 35.11 2.11
C SER A 499 -3.82 35.63 2.04
N GLN A 500 -4.47 35.40 0.92
CA GLN A 500 -5.85 35.84 0.71
C GLN A 500 -6.88 34.91 1.35
N GLY A 501 -6.44 33.75 1.83
CA GLY A 501 -7.34 32.75 2.39
C GLY A 501 -7.66 33.00 3.85
N ARG A 502 -8.11 31.94 4.52
CA ARG A 502 -8.42 31.99 5.94
C ARG A 502 -7.65 30.92 6.71
N PHE A 503 -6.39 30.71 6.33
CA PHE A 503 -5.57 29.67 6.95
C PHE A 503 -5.21 29.95 8.40
N ASP A 504 -5.14 31.23 8.76
CA ASP A 504 -4.93 31.61 10.16
C ASP A 504 -6.11 31.16 11.03
N ASP A 505 -7.32 31.50 10.59
CA ASP A 505 -8.54 31.07 11.30
C ASP A 505 -8.68 29.55 11.32
N ALA A 506 -8.37 28.90 10.19
CA ALA A 506 -8.47 27.43 10.09
C ALA A 506 -7.49 26.72 11.01
N ALA A 507 -6.24 27.21 11.05
CA ALA A 507 -5.21 26.60 11.92
C ALA A 507 -5.57 26.76 13.40
N ARG A 508 -6.19 27.90 13.72
CA ARG A 508 -6.59 28.18 15.09
C ARG A 508 -7.68 27.21 15.53
N LEU A 509 -8.68 27.01 14.67
CA LEU A 509 -9.77 26.09 14.97
C LEU A 509 -9.24 24.65 15.03
N MET A 510 -8.38 24.27 14.10
CA MET A 510 -7.77 22.96 14.10
C MET A 510 -7.02 22.70 15.40
N GLU A 511 -6.21 23.68 15.82
CA GLU A 511 -5.46 23.51 17.07
C GLU A 511 -6.40 23.35 18.27
N GLN A 512 -7.46 24.15 18.32
CA GLN A 512 -8.43 24.09 19.41
C GLN A 512 -9.09 22.71 19.52
N ILE A 513 -9.62 22.21 18.40
CA ILE A 513 -10.35 20.96 18.47
C ILE A 513 -9.41 19.79 18.67
N THR A 514 -8.20 19.89 18.15
CA THR A 514 -7.24 18.79 18.24
C THR A 514 -6.64 18.65 19.64
N THR A 515 -6.44 19.76 20.34
CA THR A 515 -5.78 19.72 21.63
C THR A 515 -6.74 19.71 22.82
N SER A 516 -8.05 19.79 22.54
CA SER A 516 -9.05 19.61 23.57
C SER A 516 -9.00 18.20 24.15
N ASP A 517 -9.25 18.07 25.45
CA ASP A 517 -9.25 16.76 26.09
C ASP A 517 -10.48 15.95 25.69
N GLU A 518 -11.57 16.61 25.35
CA GLU A 518 -12.76 15.95 24.84
C GLU A 518 -12.79 16.00 23.31
N LEU A 519 -13.36 14.96 22.72
CA LEU A 519 -13.51 14.88 21.27
C LEU A 519 -14.81 15.57 20.84
N ILE A 520 -14.69 16.66 20.10
CA ILE A 520 -15.88 17.34 19.62
C ILE A 520 -16.57 16.45 18.57
N ASP A 521 -17.89 16.43 18.60
CA ASP A 521 -18.65 15.48 17.76
C ASP A 521 -18.49 15.76 16.27
N PHE A 522 -18.52 17.02 15.87
CA PHE A 522 -18.45 17.45 14.46
C PHE A 522 -17.70 18.76 14.32
N LEU A 523 -16.78 18.85 13.36
CA LEU A 523 -15.99 20.07 13.13
C LEU A 523 -16.88 21.19 12.61
N THR A 524 -18.01 20.83 12.01
CA THR A 524 -18.98 21.78 11.46
C THR A 524 -19.68 22.63 12.54
N LEU A 525 -19.73 22.13 13.77
CA LEU A 525 -20.38 22.85 14.85
C LEU A 525 -19.59 24.10 15.26
N PRO A 526 -18.31 23.95 15.66
CA PRO A 526 -17.55 25.20 15.85
C PRO A 526 -17.29 25.94 14.55
N GLY A 527 -17.17 25.24 13.44
CA GLY A 527 -16.92 25.87 12.17
C GLY A 527 -18.03 26.84 11.78
N TYR A 528 -19.27 26.50 12.14
CA TYR A 528 -20.45 27.32 11.79
C TYR A 528 -20.40 28.71 12.41
N ARG A 529 -19.71 28.83 13.53
CA ARG A 529 -19.57 30.13 14.22
C ARG A 529 -18.78 31.14 13.41
N LEU A 530 -18.05 30.67 12.42
CA LEU A 530 -17.29 31.54 11.54
C LEU A 530 -18.11 31.94 10.30
N LEU A 531 -19.32 31.38 10.12
CA LEU A 531 -20.18 31.77 8.98
C LEU A 531 -21.08 32.95 9.33
N ALA A 532 -21.33 33.83 8.35
CA ALA A 532 -22.18 35.02 8.55
C ALA A 532 -23.58 34.65 9.02
N ASP B 8 26.04 -15.91 -37.15
CA ASP B 8 26.22 -16.31 -35.72
C ASP B 8 25.04 -15.79 -34.87
N GLU B 9 23.85 -16.28 -35.19
CA GLU B 9 22.61 -15.79 -34.58
C GLU B 9 22.23 -16.56 -33.32
N LEU B 10 21.30 -15.98 -32.57
CA LEU B 10 20.73 -16.66 -31.41
C LEU B 10 19.58 -17.57 -31.81
N ALA B 11 19.45 -18.67 -31.10
CA ALA B 11 18.31 -19.57 -31.25
C ALA B 11 17.50 -19.57 -29.96
N PHE B 12 16.19 -19.58 -30.10
CA PHE B 12 15.27 -19.63 -28.97
C PHE B 12 14.59 -20.98 -28.92
N THR B 13 14.73 -21.67 -27.79
CA THR B 13 14.26 -23.06 -27.71
C THR B 13 12.78 -23.18 -27.41
N ARG B 14 12.14 -22.10 -26.96
CA ARG B 14 10.68 -22.11 -26.80
C ARG B 14 9.98 -21.16 -27.77
N PRO B 15 8.78 -21.56 -28.25
CA PRO B 15 8.02 -20.67 -29.12
C PRO B 15 7.59 -19.41 -28.39
N TYR B 16 7.51 -18.30 -29.11
CA TYR B 16 7.09 -17.02 -28.54
C TYR B 16 5.60 -16.99 -28.23
N GLY B 17 5.26 -16.69 -26.98
CA GLY B 17 3.93 -16.30 -26.58
C GLY B 17 3.87 -14.78 -26.55
N GLU B 18 2.81 -14.23 -25.97
CA GLU B 18 2.63 -12.79 -25.95
C GLU B 18 3.73 -12.10 -25.15
N GLN B 19 4.21 -12.77 -24.11
CA GLN B 19 5.22 -12.20 -23.21
C GLN B 19 6.55 -12.06 -23.96
N GLU B 20 6.96 -13.10 -24.68
CA GLU B 20 8.18 -13.05 -25.50
C GLU B 20 8.09 -12.02 -26.61
N LYS B 21 6.90 -11.83 -27.17
CA LYS B 21 6.73 -10.83 -28.21
C LYS B 21 6.94 -9.42 -27.65
N GLN B 22 6.61 -9.25 -26.37
CA GLN B 22 6.83 -7.97 -25.69
C GLN B 22 8.30 -7.70 -25.36
N ILE B 23 8.96 -8.71 -24.81
CA ILE B 23 10.33 -8.57 -24.30
C ILE B 23 11.39 -8.85 -25.35
N LEU B 24 11.18 -9.91 -26.15
CA LEU B 24 12.15 -10.31 -27.15
C LEU B 24 11.78 -9.74 -28.52
N THR B 25 11.70 -8.41 -28.56
CA THR B 25 11.41 -7.70 -29.80
C THR B 25 12.60 -7.91 -30.73
N ALA B 26 12.40 -7.70 -32.02
CA ALA B 26 13.50 -7.82 -32.96
C ALA B 26 14.68 -6.95 -32.52
N GLU B 27 14.40 -5.74 -32.08
CA GLU B 27 15.46 -4.80 -31.72
C GLU B 27 16.17 -5.26 -30.45
N ALA B 28 15.41 -5.75 -29.48
CA ALA B 28 15.99 -6.27 -28.25
C ALA B 28 16.92 -7.44 -28.54
N VAL B 29 16.46 -8.33 -29.41
CA VAL B 29 17.22 -9.51 -29.73
C VAL B 29 18.48 -9.16 -30.53
N GLU B 30 18.40 -8.18 -31.44
CA GLU B 30 19.61 -7.70 -32.11
C GLU B 30 20.67 -7.17 -31.12
N PHE B 31 20.23 -6.36 -30.16
CA PHE B 31 21.15 -5.85 -29.14
C PHE B 31 21.71 -6.99 -28.28
N LEU B 32 20.84 -7.88 -27.82
CA LEU B 32 21.31 -9.05 -27.05
C LEU B 32 22.33 -9.86 -27.83
N THR B 33 22.08 -10.07 -29.13
CA THR B 33 23.02 -10.80 -29.96
C THR B 33 24.39 -10.16 -30.00
N GLU B 34 24.42 -8.82 -30.11
CA GLU B 34 25.70 -8.12 -30.14
C GLU B 34 26.46 -8.32 -28.85
N LEU B 35 25.76 -8.21 -27.71
CA LEU B 35 26.42 -8.42 -26.43
C LEU B 35 26.96 -9.85 -26.33
N VAL B 36 26.14 -10.80 -26.74
CA VAL B 36 26.55 -12.21 -26.64
C VAL B 36 27.78 -12.48 -27.51
N THR B 37 27.77 -11.98 -28.74
CA THR B 37 28.89 -12.24 -29.64
C THR B 37 30.16 -11.50 -29.21
N HIS B 38 30.03 -10.27 -28.73
CA HIS B 38 31.21 -9.50 -28.31
C HIS B 38 31.79 -9.98 -26.99
N PHE B 39 30.97 -10.51 -26.08
CA PHE B 39 31.43 -10.72 -24.71
C PHE B 39 31.35 -12.13 -24.15
N THR B 40 30.74 -13.08 -24.85
CA THR B 40 30.64 -14.43 -24.31
C THR B 40 31.98 -15.18 -24.30
N PRO B 41 32.77 -15.07 -25.38
CA PRO B 41 34.09 -15.70 -25.33
C PRO B 41 34.95 -15.26 -24.14
N GLN B 42 35.00 -13.95 -23.88
CA GLN B 42 35.75 -13.45 -22.74
C GLN B 42 35.16 -13.95 -21.42
N ARG B 43 33.84 -14.02 -21.36
CA ARG B 43 33.18 -14.53 -20.16
C ARG B 43 33.61 -15.97 -19.90
N ASN B 44 33.67 -16.78 -20.95
CA ASN B 44 34.10 -18.17 -20.78
C ASN B 44 35.55 -18.29 -20.37
N LYS B 45 36.40 -17.40 -20.89
CA LYS B 45 37.79 -17.33 -20.45
C LYS B 45 37.87 -16.96 -18.96
N LEU B 46 37.05 -16.03 -18.51
CA LEU B 46 37.02 -15.67 -17.10
C LEU B 46 36.62 -16.85 -16.22
N LEU B 47 35.63 -17.61 -16.67
CA LEU B 47 35.24 -18.82 -15.94
C LEU B 47 36.39 -19.85 -15.88
N ALA B 48 37.14 -19.98 -16.97
CA ALA B 48 38.30 -20.88 -16.98
C ALA B 48 39.41 -20.41 -16.06
N ALA B 49 39.60 -19.09 -15.98
CA ALA B 49 40.62 -18.50 -15.14
C ALA B 49 40.31 -18.81 -13.67
N ARG B 50 39.03 -18.87 -13.33
CA ARG B 50 38.61 -19.22 -11.98
C ARG B 50 39.11 -20.58 -11.57
N ILE B 51 39.10 -21.54 -12.50
CA ILE B 51 39.52 -22.90 -12.20
C ILE B 51 40.98 -22.92 -11.76
N GLN B 52 41.84 -22.25 -12.54
CA GLN B 52 43.26 -22.20 -12.22
C GLN B 52 43.53 -21.50 -10.89
N GLN B 53 42.85 -20.38 -10.67
CA GLN B 53 43.06 -19.63 -9.43
C GLN B 53 42.66 -20.45 -8.20
N GLN B 54 41.57 -21.20 -8.30
CA GLN B 54 41.19 -22.08 -7.20
C GLN B 54 42.18 -23.21 -7.01
N GLN B 55 42.70 -23.75 -8.12
CA GLN B 55 43.70 -24.81 -8.05
C GLN B 55 44.92 -24.33 -7.25
N ASP B 56 45.36 -23.10 -7.52
CA ASP B 56 46.49 -22.50 -6.78
C ASP B 56 46.22 -22.44 -5.27
N ILE B 57 44.98 -22.13 -4.89
CA ILE B 57 44.60 -22.12 -3.48
C ILE B 57 44.55 -23.55 -2.91
N ASP B 58 43.94 -24.46 -3.67
CA ASP B 58 43.85 -25.88 -3.30
C ASP B 58 45.23 -26.48 -3.05
N ASN B 59 46.21 -26.04 -3.84
CA ASN B 59 47.57 -26.55 -3.78
C ASN B 59 48.44 -25.89 -2.70
N GLY B 60 47.88 -24.96 -1.92
CA GLY B 60 48.51 -24.50 -0.70
C GLY B 60 48.89 -23.04 -0.58
N THR B 61 48.60 -22.22 -1.61
CA THR B 61 48.85 -20.78 -1.55
C THR B 61 47.54 -20.07 -1.22
N LEU B 62 47.43 -19.60 0.02
CA LEU B 62 46.24 -18.90 0.46
C LEU B 62 46.13 -17.56 -0.26
N PRO B 63 44.90 -17.05 -0.37
CA PRO B 63 44.70 -15.72 -0.96
C PRO B 63 45.45 -14.60 -0.20
N ASP B 64 45.88 -13.56 -0.91
CA ASP B 64 46.45 -12.34 -0.31
C ASP B 64 46.26 -11.24 -1.32
N PHE B 65 46.64 -10.02 -0.94
CA PHE B 65 46.59 -8.89 -1.86
C PHE B 65 47.52 -9.08 -3.06
N ILE B 66 47.20 -8.43 -4.16
CA ILE B 66 47.97 -8.55 -5.40
C ILE B 66 49.24 -7.70 -5.36
N SER B 67 50.35 -8.28 -5.78
CA SER B 67 51.63 -7.57 -5.70
CA SER B 67 51.65 -7.58 -5.73
C SER B 67 51.69 -6.43 -6.72
N GLU B 68 51.47 -6.75 -8.00
CA GLU B 68 51.76 -5.81 -9.07
C GLU B 68 50.90 -4.55 -9.06
N THR B 69 49.71 -4.63 -8.46
CA THR B 69 48.77 -3.52 -8.45
C THR B 69 48.86 -2.62 -7.19
N ALA B 70 49.93 -2.78 -6.41
CA ALA B 70 50.18 -1.94 -5.25
C ALA B 70 50.02 -0.43 -5.54
N SER B 71 50.45 0.00 -6.73
CA SER B 71 50.36 1.42 -7.08
C SER B 71 48.92 1.93 -7.13
N ILE B 72 47.99 1.08 -7.57
CA ILE B 72 46.56 1.44 -7.61
C ILE B 72 46.05 1.63 -6.18
N ARG B 73 46.43 0.71 -5.30
CA ARG B 73 45.90 0.70 -3.94
C ARG B 73 46.41 1.88 -3.12
N ASP B 74 47.63 2.34 -3.42
CA ASP B 74 48.26 3.39 -2.63
C ASP B 74 48.21 4.77 -3.29
N ALA B 75 47.52 4.87 -4.42
CA ALA B 75 47.30 6.13 -5.12
C ALA B 75 45.98 6.75 -4.66
N ASP B 76 45.87 8.08 -4.76
CA ASP B 76 44.62 8.79 -4.51
C ASP B 76 43.84 8.88 -5.82
N TRP B 77 42.57 8.50 -5.76
CA TRP B 77 41.65 8.56 -6.90
C TRP B 77 40.30 8.15 -6.35
N LYS B 78 39.27 8.56 -7.07
CA LYS B 78 37.88 8.28 -6.69
C LYS B 78 37.09 7.77 -7.89
N ILE B 79 35.94 7.14 -7.62
CA ILE B 79 35.01 6.74 -8.66
C ILE B 79 34.51 7.96 -9.42
N ARG B 80 33.90 7.75 -10.58
CA ARG B 80 33.51 8.84 -11.47
C ARG B 80 32.43 9.72 -10.85
N GLY B 81 31.44 9.09 -10.23
CA GLY B 81 30.38 9.84 -9.58
C GLY B 81 29.19 9.03 -9.19
N ILE B 82 28.31 9.66 -8.41
CA ILE B 82 27.11 9.05 -7.87
C ILE B 82 25.91 9.93 -8.23
N PRO B 83 24.92 9.36 -8.93
CA PRO B 83 23.68 10.08 -9.27
C PRO B 83 22.96 10.58 -8.03
N ALA B 84 22.25 11.70 -8.17
CA ALA B 84 21.55 12.26 -7.02
C ALA B 84 20.65 11.26 -6.30
N ASP B 85 19.96 10.41 -7.07
CA ASP B 85 18.98 9.48 -6.50
C ASP B 85 19.63 8.22 -5.89
N LEU B 86 20.96 8.18 -5.88
CA LEU B 86 21.68 7.13 -5.20
C LEU B 86 22.58 7.70 -4.09
N GLU B 87 22.33 8.95 -3.67
CA GLU B 87 23.09 9.57 -2.58
CA GLU B 87 23.06 9.57 -2.58
C GLU B 87 22.58 9.13 -1.19
N ASP B 88 21.33 8.67 -1.11
CA ASP B 88 20.74 8.21 0.12
C ASP B 88 20.19 6.81 -0.15
N ARG B 89 20.85 5.82 0.43
CA ARG B 89 20.48 4.43 0.26
C ARG B 89 20.41 3.73 1.61
N ARG B 90 19.89 4.44 2.61
CA ARG B 90 20.06 3.96 3.98
C ARG B 90 19.40 2.62 4.21
N VAL B 91 18.30 2.36 3.53
CA VAL B 91 17.73 1.00 3.47
C VAL B 91 17.32 0.66 2.06
N GLU B 92 17.69 -0.56 1.65
CA GLU B 92 17.28 -1.16 0.37
C GLU B 92 16.55 -2.44 0.68
N ILE B 93 15.39 -2.64 0.05
CA ILE B 93 14.69 -3.91 0.17
C ILE B 93 15.03 -4.75 -1.06
N THR B 94 15.24 -6.05 -0.83
CA THR B 94 15.46 -7.00 -1.90
C THR B 94 14.19 -7.81 -2.07
N GLY B 95 13.89 -8.17 -3.30
CA GLY B 95 12.85 -9.18 -3.56
C GLY B 95 12.86 -9.67 -4.99
N PRO B 96 12.30 -10.86 -5.21
CA PRO B 96 12.23 -11.37 -6.57
C PRO B 96 11.28 -10.56 -7.47
N VAL B 97 11.39 -10.77 -8.77
CA VAL B 97 10.72 -9.96 -9.78
C VAL B 97 9.28 -10.37 -10.12
N GLU B 98 8.57 -10.95 -9.15
CA GLU B 98 7.16 -11.28 -9.32
C GLU B 98 6.34 -10.00 -9.19
N ARG B 99 5.20 -9.94 -9.87
CA ARG B 99 4.51 -8.66 -10.07
C ARG B 99 4.04 -7.96 -8.79
N LYS B 100 3.30 -8.68 -7.95
CA LYS B 100 2.84 -8.11 -6.68
C LYS B 100 4.02 -7.69 -5.80
N MET B 101 5.04 -8.53 -5.75
CA MET B 101 6.21 -8.24 -4.93
C MET B 101 6.90 -6.94 -5.36
N VAL B 102 7.00 -6.75 -6.66
CA VAL B 102 7.62 -5.55 -7.19
C VAL B 102 6.85 -4.32 -6.71
N ILE B 103 5.53 -4.37 -6.76
CA ILE B 103 4.73 -3.22 -6.33
C ILE B 103 4.92 -3.00 -4.83
N ASN B 104 4.80 -4.05 -4.04
CA ASN B 104 4.95 -3.92 -2.60
C ASN B 104 6.33 -3.42 -2.19
N ALA B 105 7.37 -3.87 -2.88
CA ALA B 105 8.74 -3.45 -2.57
C ALA B 105 8.94 -1.99 -2.92
N LEU B 106 8.46 -1.58 -4.09
CA LEU B 106 8.59 -0.17 -4.48
C LEU B 106 7.83 0.75 -3.54
N ASN B 107 6.77 0.23 -2.92
CA ASN B 107 5.94 1.01 -2.00
C ASN B 107 6.42 0.96 -0.54
N ALA B 108 7.48 0.20 -0.27
CA ALA B 108 7.90 -0.03 1.10
C ALA B 108 8.62 1.19 1.69
N ASN B 109 8.81 1.18 3.01
CA ASN B 109 9.46 2.28 3.70
C ASN B 109 10.97 2.17 3.57
N VAL B 110 11.45 2.38 2.35
CA VAL B 110 12.86 2.17 2.01
C VAL B 110 13.27 3.21 0.98
N LYS B 111 14.57 3.25 0.68
CA LYS B 111 15.08 4.16 -0.35
C LYS B 111 15.14 3.52 -1.74
N VAL B 112 15.47 2.24 -1.77
CA VAL B 112 15.78 1.48 -2.96
C VAL B 112 15.11 0.11 -2.91
N PHE B 113 14.63 -0.34 -4.06
CA PHE B 113 14.22 -1.73 -4.26
C PHE B 113 15.21 -2.38 -5.21
N MET B 114 15.90 -3.39 -4.72
CA MET B 114 16.67 -4.28 -5.60
C MET B 114 15.83 -5.48 -6.08
N ALA B 115 15.36 -5.38 -7.31
CA ALA B 115 14.63 -6.48 -7.97
C ALA B 115 15.60 -7.56 -8.36
N ASP B 116 15.26 -8.80 -8.02
CA ASP B 116 16.21 -9.91 -8.09
C ASP B 116 15.89 -10.93 -9.16
N PHE B 117 16.83 -11.07 -10.10
CA PHE B 117 16.82 -12.20 -11.05
C PHE B 117 17.78 -13.31 -10.60
N GLU B 118 18.44 -13.09 -9.47
CA GLU B 118 19.52 -13.95 -9.04
C GLU B 118 19.08 -14.82 -7.86
N ASP B 119 19.76 -14.76 -6.71
CA ASP B 119 19.64 -15.82 -5.71
C ASP B 119 18.25 -16.08 -5.16
N SER B 120 17.39 -15.06 -5.13
CA SER B 120 16.02 -15.27 -4.63
C SER B 120 15.00 -15.71 -5.71
N LEU B 121 15.46 -15.86 -6.94
CA LEU B 121 14.63 -16.28 -8.06
C LEU B 121 15.07 -17.66 -8.58
N ALA B 122 14.12 -18.59 -8.75
CA ALA B 122 14.39 -19.84 -9.49
C ALA B 122 14.18 -19.45 -10.95
N PRO B 123 15.22 -19.56 -11.77
CA PRO B 123 15.24 -18.96 -13.10
C PRO B 123 14.48 -19.76 -14.16
N ASP B 124 13.22 -20.04 -13.89
CA ASP B 124 12.37 -20.65 -14.92
C ASP B 124 12.20 -19.61 -16.00
N TRP B 125 12.11 -20.02 -17.25
CA TRP B 125 11.98 -19.11 -18.36
C TRP B 125 10.81 -18.13 -18.17
N ASN B 126 9.64 -18.65 -17.79
CA ASN B 126 8.47 -17.82 -17.65
C ASN B 126 8.69 -16.75 -16.60
N LYS B 127 9.40 -17.10 -15.53
CA LYS B 127 9.64 -16.14 -14.46
C LYS B 127 10.64 -15.07 -14.86
N VAL B 128 11.67 -15.42 -15.64
CA VAL B 128 12.60 -14.40 -16.11
C VAL B 128 11.94 -13.44 -17.11
N ILE B 129 11.14 -13.95 -18.04
CA ILE B 129 10.43 -13.10 -18.97
C ILE B 129 9.40 -12.22 -18.25
N ASP B 130 8.59 -12.82 -17.39
CA ASP B 130 7.60 -12.07 -16.65
C ASP B 130 8.27 -11.02 -15.80
N GLY B 131 9.46 -11.34 -15.29
CA GLY B 131 10.21 -10.36 -14.49
C GLY B 131 10.55 -9.13 -15.30
N GLN B 132 10.99 -9.33 -16.55
CA GLN B 132 11.30 -8.21 -17.43
C GLN B 132 10.04 -7.41 -17.71
N ILE B 133 8.91 -8.08 -17.93
CA ILE B 133 7.65 -7.36 -18.14
C ILE B 133 7.32 -6.50 -16.93
N ASN B 134 7.47 -7.09 -15.75
CA ASN B 134 7.10 -6.40 -14.52
C ASN B 134 7.97 -5.17 -14.26
N LEU B 135 9.27 -5.30 -14.48
CA LEU B 135 10.16 -4.17 -14.26
C LEU B 135 9.93 -3.03 -15.25
N ARG B 136 9.60 -3.35 -16.49
CA ARG B 136 9.28 -2.32 -17.47
CA ARG B 136 9.28 -2.33 -17.48
C ARG B 136 8.02 -1.56 -17.04
N ASP B 137 6.99 -2.31 -16.66
CA ASP B 137 5.75 -1.68 -16.21
C ASP B 137 6.04 -0.84 -14.96
N ALA B 138 6.96 -1.32 -14.14
CA ALA B 138 7.33 -0.56 -12.94
C ALA B 138 8.04 0.75 -13.26
N VAL B 139 9.04 0.68 -14.13
CA VAL B 139 9.76 1.86 -14.57
C VAL B 139 8.82 2.88 -15.19
N ASN B 140 7.86 2.38 -15.97
CA ASN B 140 6.89 3.22 -16.66
C ASN B 140 5.79 3.75 -15.75
N GLY B 141 5.76 3.29 -14.51
CA GLY B 141 4.86 3.80 -13.49
C GLY B 141 3.47 3.21 -13.53
N THR B 142 3.23 2.23 -14.41
CA THR B 142 1.88 1.71 -14.66
C THR B 142 1.57 0.34 -14.04
N ILE B 143 2.60 -0.30 -13.49
CA ILE B 143 2.47 -1.65 -12.97
C ILE B 143 1.29 -1.71 -11.99
N SER B 144 0.46 -2.74 -12.16
CA SER B 144 -0.67 -2.93 -11.28
C SER B 144 -0.96 -4.40 -11.20
N TYR B 145 -1.58 -4.79 -10.10
CA TYR B 145 -1.88 -6.19 -9.84
C TYR B 145 -3.19 -6.25 -9.07
N THR B 146 -4.08 -7.15 -9.49
CA THR B 146 -5.30 -7.41 -8.73
C THR B 146 -5.31 -8.89 -8.36
N ASN B 147 -5.47 -9.14 -7.08
CA ASN B 147 -5.45 -10.51 -6.57
C ASN B 147 -6.81 -11.20 -6.73
N GLU B 148 -6.88 -12.46 -6.30
CA GLU B 148 -8.10 -13.25 -6.33
C GLU B 148 -9.28 -12.58 -5.59
N ALA B 149 -8.98 -11.86 -4.51
CA ALA B 149 -10.00 -11.20 -3.68
C ALA B 149 -10.48 -9.86 -4.26
N GLY B 150 -9.92 -9.45 -5.40
CA GLY B 150 -10.30 -8.20 -6.04
C GLY B 150 -9.63 -6.95 -5.46
N LYS B 151 -8.56 -7.15 -4.68
CA LYS B 151 -7.77 -6.03 -4.17
C LYS B 151 -6.78 -5.59 -5.25
N ILE B 152 -6.83 -4.31 -5.62
CA ILE B 152 -5.89 -3.77 -6.60
C ILE B 152 -4.66 -3.21 -5.89
N TYR B 153 -3.50 -3.47 -6.50
CA TYR B 153 -2.21 -2.95 -6.05
C TYR B 153 -1.66 -2.05 -7.13
N GLN B 154 -1.26 -0.83 -6.75
CA GLN B 154 -0.62 0.12 -7.67
C GLN B 154 0.51 0.83 -6.94
N LEU B 155 1.38 1.47 -7.70
CA LEU B 155 2.42 2.29 -7.10
C LEU B 155 1.82 3.49 -6.38
N LYS B 156 2.32 3.73 -5.18
CA LYS B 156 2.02 4.95 -4.43
C LYS B 156 2.97 6.05 -4.91
N PRO B 157 2.69 7.32 -4.56
CA PRO B 157 3.63 8.39 -4.86
C PRO B 157 5.02 8.12 -4.31
N ASN B 158 6.02 8.55 -5.07
CA ASN B 158 7.41 8.50 -4.64
C ASN B 158 7.86 7.08 -4.39
N PRO B 159 7.76 6.23 -5.42
CA PRO B 159 8.26 4.86 -5.28
C PRO B 159 9.77 4.85 -5.09
N ALA B 160 10.26 3.76 -4.52
CA ALA B 160 11.69 3.59 -4.32
C ALA B 160 12.45 3.60 -5.63
N VAL B 161 13.75 3.89 -5.55
CA VAL B 161 14.62 3.83 -6.70
C VAL B 161 14.83 2.36 -7.03
N LEU B 162 14.81 2.03 -8.32
CA LEU B 162 14.90 0.63 -8.77
C LEU B 162 16.33 0.26 -9.20
N ILE B 163 16.82 -0.88 -8.71
CA ILE B 163 18.10 -1.45 -9.12
C ILE B 163 17.83 -2.93 -9.45
N CYS B 164 18.46 -3.42 -10.53
CA CYS B 164 18.24 -4.79 -11.03
C CYS B 164 19.43 -5.66 -10.70
N ARG B 165 19.22 -6.74 -9.94
CA ARG B 165 20.29 -7.75 -9.76
C ARG B 165 20.20 -8.85 -10.82
N VAL B 166 21.29 -8.98 -11.60
CA VAL B 166 21.39 -9.97 -12.66
C VAL B 166 21.99 -11.28 -12.16
N ARG B 167 21.73 -12.36 -12.91
CA ARG B 167 22.40 -13.62 -12.66
C ARG B 167 23.93 -13.50 -12.75
N GLY B 168 24.61 -14.31 -11.96
CA GLY B 168 26.05 -14.37 -11.95
C GLY B 168 26.69 -14.97 -13.18
N LEU B 169 27.98 -14.76 -13.31
CA LEU B 169 28.74 -15.10 -14.53
C LEU B 169 28.72 -16.59 -14.86
N HIS B 170 28.53 -17.43 -13.85
CA HIS B 170 28.54 -18.89 -14.06
C HIS B 170 27.23 -19.43 -14.61
N LEU B 171 26.15 -18.64 -14.61
CA LEU B 171 24.81 -19.19 -14.88
C LEU B 171 24.47 -19.14 -16.37
N PRO B 172 24.06 -20.30 -16.93
CA PRO B 172 23.57 -20.32 -18.29
C PRO B 172 22.13 -19.91 -18.38
N GLU B 173 21.74 -19.34 -19.52
CA GLU B 173 20.34 -19.17 -19.87
C GLU B 173 20.09 -20.13 -21.02
N LYS B 174 19.55 -21.30 -20.69
CA LYS B 174 19.55 -22.44 -21.64
C LYS B 174 18.47 -22.36 -22.70
N HIS B 175 17.56 -21.40 -22.58
CA HIS B 175 16.48 -21.25 -23.54
C HIS B 175 16.87 -20.33 -24.69
N VAL B 176 18.08 -19.80 -24.63
CA VAL B 176 18.64 -19.03 -25.72
C VAL B 176 20.05 -19.53 -25.94
N THR B 177 20.35 -19.95 -27.17
CA THR B 177 21.66 -20.55 -27.44
C THR B 177 22.39 -19.80 -28.54
N TRP B 178 23.71 -19.89 -28.49
CA TRP B 178 24.59 -19.27 -29.47
C TRP B 178 25.72 -20.25 -29.70
N ARG B 179 25.95 -20.60 -30.96
CA ARG B 179 26.97 -21.61 -31.31
C ARG B 179 26.72 -22.92 -30.55
N GLY B 180 25.45 -23.30 -30.44
CA GLY B 180 25.06 -24.57 -29.81
C GLY B 180 25.09 -24.59 -28.29
N GLU B 181 25.43 -23.47 -27.65
CA GLU B 181 25.56 -23.43 -26.19
C GLU B 181 24.66 -22.34 -25.61
N ALA B 182 24.19 -22.57 -24.39
CA ALA B 182 23.41 -21.59 -23.65
C ALA B 182 24.21 -20.30 -23.58
N ILE B 183 23.51 -19.17 -23.68
CA ILE B 183 24.17 -17.87 -23.51
C ILE B 183 24.32 -17.55 -22.03
N PRO B 184 25.20 -16.57 -21.69
CA PRO B 184 25.27 -16.18 -20.28
C PRO B 184 24.00 -15.51 -19.74
N GLY B 185 23.46 -16.04 -18.65
CA GLY B 185 22.32 -15.42 -17.99
C GLY B 185 22.58 -13.97 -17.59
N SER B 186 23.82 -13.68 -17.21
CA SER B 186 24.26 -12.33 -16.89
C SER B 186 23.94 -11.34 -18.01
N LEU B 187 24.25 -11.75 -19.24
CA LEU B 187 24.01 -10.89 -20.42
C LEU B 187 22.54 -10.76 -20.74
N PHE B 188 21.81 -11.87 -20.62
CA PHE B 188 20.38 -11.86 -20.84
C PHE B 188 19.68 -10.85 -19.91
N ASP B 189 19.99 -10.95 -18.62
CA ASP B 189 19.28 -10.16 -17.63
C ASP B 189 19.64 -8.68 -17.78
N PHE B 190 20.94 -8.42 -17.96
CA PHE B 190 21.44 -7.06 -18.14
C PHE B 190 20.88 -6.46 -19.42
N ALA B 191 20.98 -7.21 -20.53
CA ALA B 191 20.61 -6.64 -21.83
C ALA B 191 19.18 -6.18 -21.85
N LEU B 192 18.30 -6.99 -21.31
CA LEU B 192 16.87 -6.74 -21.43
C LEU B 192 16.38 -5.66 -20.49
N TYR B 193 16.85 -5.66 -19.24
CA TYR B 193 16.51 -4.57 -18.33
C TYR B 193 17.03 -3.22 -18.83
N PHE B 194 18.28 -3.20 -19.23
CA PHE B 194 18.87 -1.98 -19.82
C PHE B 194 18.10 -1.51 -21.05
N PHE B 195 17.90 -2.44 -22.00
CA PHE B 195 17.33 -2.06 -23.29
C PHE B 195 15.92 -1.52 -23.15
N HIS B 196 15.10 -2.24 -22.40
CA HIS B 196 13.70 -1.85 -22.27
C HIS B 196 13.46 -0.59 -21.45
N ASN B 197 14.41 -0.22 -20.58
CA ASN B 197 14.15 0.83 -19.58
C ASN B 197 15.07 2.04 -19.56
N TYR B 198 16.18 2.03 -20.31
CA TYR B 198 17.13 3.14 -20.16
C TYR B 198 16.49 4.46 -20.53
N GLN B 199 15.62 4.49 -21.53
CA GLN B 199 15.05 5.77 -21.96
C GLN B 199 14.17 6.38 -20.86
N ALA B 200 13.25 5.60 -20.33
CA ALA B 200 12.32 6.10 -19.32
C ALA B 200 13.02 6.40 -18.00
N LEU B 201 14.03 5.61 -17.66
CA LEU B 201 14.78 5.84 -16.45
C LEU B 201 15.51 7.17 -16.53
N LEU B 202 16.16 7.40 -17.67
CA LEU B 202 16.91 8.64 -17.86
C LEU B 202 15.99 9.85 -17.94
N ALA B 203 14.84 9.68 -18.59
CA ALA B 203 13.86 10.77 -18.74
C ALA B 203 13.39 11.28 -17.39
N LYS B 204 13.22 10.37 -16.42
CA LYS B 204 12.74 10.77 -15.09
C LYS B 204 13.85 11.15 -14.08
N GLY B 205 15.08 11.24 -14.56
CA GLY B 205 16.19 11.66 -13.76
C GLY B 205 16.85 10.55 -12.98
N SER B 206 16.50 9.30 -13.31
CA SER B 206 17.17 8.12 -12.75
C SER B 206 18.13 7.56 -13.79
N GLY B 207 18.39 6.27 -13.72
CA GLY B 207 19.26 5.65 -14.69
C GLY B 207 19.18 4.16 -14.56
N PRO B 208 19.84 3.45 -15.49
CA PRO B 208 19.86 1.98 -15.49
C PRO B 208 20.86 1.51 -14.45
N TYR B 209 20.34 0.99 -13.34
CA TYR B 209 21.16 0.63 -12.18
C TYR B 209 21.12 -0.86 -11.95
N PHE B 210 22.29 -1.42 -11.60
CA PHE B 210 22.44 -2.85 -11.43
C PHE B 210 23.13 -3.23 -10.15
N TYR B 211 22.78 -4.42 -9.65
CA TYR B 211 23.57 -5.09 -8.62
C TYR B 211 24.25 -6.25 -9.30
N LEU B 212 25.56 -6.34 -9.12
CA LEU B 212 26.37 -7.39 -9.75
C LEU B 212 26.84 -8.37 -8.69
N PRO B 213 26.51 -9.66 -8.86
CA PRO B 213 26.84 -10.64 -7.85
C PRO B 213 28.05 -11.51 -8.13
N LYS B 214 28.59 -12.06 -7.06
CA LYS B 214 29.52 -13.20 -7.11
C LYS B 214 30.84 -12.97 -7.88
N THR B 215 31.23 -11.70 -8.03
CA THR B 215 32.51 -11.36 -8.67
C THR B 215 33.65 -11.99 -7.91
N GLN B 216 34.65 -12.50 -8.63
CA GLN B 216 35.84 -13.08 -8.01
C GLN B 216 37.12 -12.29 -8.26
N SER B 217 37.15 -11.47 -9.31
CA SER B 217 38.38 -10.77 -9.68
C SER B 217 38.12 -9.42 -10.31
N TRP B 218 39.14 -8.58 -10.30
CA TRP B 218 39.05 -7.29 -10.97
C TRP B 218 38.88 -7.43 -12.47
N GLN B 219 39.42 -8.52 -13.06
CA GLN B 219 39.25 -8.71 -14.50
C GLN B 219 37.78 -8.97 -14.85
N GLU B 220 37.05 -9.61 -13.95
CA GLU B 220 35.62 -9.77 -14.12
C GLU B 220 34.91 -8.41 -14.06
N ALA B 221 35.32 -7.55 -13.12
CA ALA B 221 34.83 -6.17 -13.07
C ALA B 221 35.13 -5.43 -14.38
N ALA B 222 36.34 -5.62 -14.90
CA ALA B 222 36.72 -4.96 -16.13
C ALA B 222 35.82 -5.40 -17.31
N TRP B 223 35.44 -6.68 -17.32
CA TRP B 223 34.52 -7.21 -18.34
C TRP B 223 33.17 -6.51 -18.27
N TRP B 224 32.63 -6.39 -17.06
CA TRP B 224 31.42 -5.59 -16.90
C TRP B 224 31.58 -4.15 -17.40
N SER B 225 32.72 -3.53 -17.12
CA SER B 225 32.95 -2.16 -17.59
C SER B 225 32.88 -2.13 -19.11
N GLU B 226 33.42 -3.15 -19.77
CA GLU B 226 33.36 -3.22 -21.23
C GLU B 226 31.92 -3.39 -21.72
N VAL B 227 31.19 -4.28 -21.07
CA VAL B 227 29.79 -4.50 -21.41
C VAL B 227 28.98 -3.21 -21.29
N PHE B 228 29.16 -2.51 -20.15
CA PHE B 228 28.46 -1.25 -19.89
C PHE B 228 28.85 -0.19 -20.91
N SER B 229 30.14 -0.08 -21.18
CA SER B 229 30.61 0.91 -22.16
C SER B 229 30.03 0.65 -23.54
N TYR B 230 30.00 -0.62 -23.95
CA TYR B 230 29.41 -0.97 -25.23
C TYR B 230 27.93 -0.59 -25.28
N ALA B 231 27.22 -0.87 -24.21
CA ALA B 231 25.79 -0.59 -24.16
C ALA B 231 25.52 0.89 -24.24
N GLU B 232 26.32 1.67 -23.49
CA GLU B 232 26.17 3.13 -23.50
C GLU B 232 26.43 3.66 -24.91
N ASP B 233 27.52 3.23 -25.51
CA ASP B 233 27.89 3.75 -26.82
C ASP B 233 26.83 3.39 -27.88
N ARG B 234 26.32 2.18 -27.80
CA ARG B 234 25.34 1.66 -28.76
C ARG B 234 24.13 2.56 -28.87
N PHE B 235 23.72 3.13 -27.74
CA PHE B 235 22.55 4.02 -27.68
C PHE B 235 22.94 5.46 -27.39
N ASN B 236 24.21 5.79 -27.65
CA ASN B 236 24.70 7.16 -27.57
C ASN B 236 24.45 7.82 -26.21
N LEU B 237 24.74 7.06 -25.15
CA LEU B 237 24.59 7.57 -23.81
C LEU B 237 25.94 8.04 -23.30
N PRO B 238 25.93 9.03 -22.41
CA PRO B 238 27.18 9.45 -21.83
C PRO B 238 27.86 8.32 -21.02
N ARG B 239 29.18 8.30 -21.00
CA ARG B 239 29.92 7.35 -20.22
C ARG B 239 29.54 7.42 -18.74
N GLY B 240 29.33 6.25 -18.14
CA GLY B 240 28.94 6.15 -16.74
C GLY B 240 27.48 6.39 -16.45
N THR B 241 26.64 6.40 -17.48
CA THR B 241 25.20 6.37 -17.33
C THR B 241 24.72 5.14 -16.55
N ILE B 242 25.25 3.97 -16.94
CA ILE B 242 24.95 2.77 -16.20
C ILE B 242 25.73 2.78 -14.89
N LYS B 243 25.04 2.56 -13.77
CA LYS B 243 25.67 2.51 -12.47
C LYS B 243 25.42 1.17 -11.79
N ALA B 244 26.50 0.59 -11.28
CA ALA B 244 26.48 -0.72 -10.63
C ALA B 244 26.94 -0.64 -9.18
N THR B 245 26.30 -1.44 -8.35
CA THR B 245 26.75 -1.70 -7.01
C THR B 245 27.20 -3.17 -7.05
N LEU B 246 28.39 -3.43 -6.53
CA LEU B 246 29.00 -4.73 -6.73
C LEU B 246 29.16 -5.45 -5.40
N LEU B 247 28.56 -6.65 -5.30
CA LEU B 247 28.65 -7.40 -4.07
C LEU B 247 30.04 -7.99 -3.92
N ILE B 248 30.65 -7.77 -2.74
CA ILE B 248 31.85 -8.49 -2.32
C ILE B 248 31.35 -9.61 -1.45
N GLU B 249 31.28 -10.77 -2.10
CA GLU B 249 30.60 -11.94 -1.55
C GLU B 249 31.29 -13.21 -2.01
N THR B 250 32.57 -13.10 -2.35
CA THR B 250 33.44 -14.25 -2.55
C THR B 250 34.74 -13.96 -1.84
N LEU B 251 35.42 -14.99 -1.38
CA LEU B 251 36.65 -14.79 -0.65
C LEU B 251 37.74 -14.19 -1.54
N PRO B 252 37.86 -14.64 -2.78
CA PRO B 252 38.86 -13.97 -3.64
C PRO B 252 38.64 -12.46 -3.79
N ALA B 253 37.38 -12.04 -3.84
CA ALA B 253 37.08 -10.64 -4.11
C ALA B 253 37.46 -9.70 -2.97
N VAL B 254 37.49 -10.20 -1.74
CA VAL B 254 37.82 -9.30 -0.60
C VAL B 254 39.27 -8.80 -0.66
N PHE B 255 40.10 -9.48 -1.42
CA PHE B 255 41.49 -9.06 -1.62
C PHE B 255 41.68 -8.17 -2.83
N GLN B 256 40.60 -7.89 -3.57
CA GLN B 256 40.71 -7.19 -4.84
C GLN B 256 39.73 -6.01 -4.90
N MET B 257 39.30 -5.48 -3.74
CA MET B 257 38.23 -4.50 -3.74
C MET B 257 38.65 -3.18 -4.39
N ASP B 258 39.89 -2.76 -4.15
CA ASP B 258 40.35 -1.51 -4.74
C ASP B 258 40.51 -1.67 -6.26
N GLU B 259 41.04 -2.81 -6.69
CA GLU B 259 41.21 -3.08 -8.12
C GLU B 259 39.87 -3.19 -8.84
N ILE B 260 38.90 -3.79 -8.17
CA ILE B 260 37.54 -3.85 -8.69
C ILE B 260 36.93 -2.46 -8.85
N LEU B 261 37.07 -1.64 -7.81
CA LEU B 261 36.57 -0.27 -7.90
C LEU B 261 37.25 0.50 -9.02
N HIS B 262 38.54 0.29 -9.17
CA HIS B 262 39.29 0.94 -10.24
C HIS B 262 38.85 0.47 -11.63
N ALA B 263 38.70 -0.85 -11.80
CA ALA B 263 38.35 -1.40 -13.10
C ALA B 263 36.96 -0.96 -13.54
N LEU B 264 36.07 -0.71 -12.58
CA LEU B 264 34.71 -0.32 -12.90
C LEU B 264 34.44 1.16 -12.54
N ARG B 265 35.50 1.96 -12.46
CA ARG B 265 35.41 3.30 -11.87
C ARG B 265 34.36 4.20 -12.54
N ASP B 266 34.16 4.08 -13.85
CA ASP B 266 33.19 4.91 -14.56
C ASP B 266 31.74 4.56 -14.22
N HIS B 267 31.51 3.32 -13.79
CA HIS B 267 30.16 2.77 -13.59
C HIS B 267 29.81 2.41 -12.15
N ILE B 268 30.79 2.27 -11.28
CA ILE B 268 30.54 1.71 -9.96
C ILE B 268 30.19 2.84 -8.97
N VAL B 269 29.21 2.57 -8.10
CA VAL B 269 28.81 3.53 -7.06
C VAL B 269 28.96 2.96 -5.66
N GLY B 270 29.30 1.68 -5.52
CA GLY B 270 29.45 1.11 -4.20
C GLY B 270 29.78 -0.36 -4.26
N LEU B 271 30.26 -0.89 -3.15
CA LEU B 271 30.37 -2.33 -2.92
C LEU B 271 29.39 -2.68 -1.80
N ASN B 272 29.06 -3.95 -1.67
CA ASN B 272 28.12 -4.45 -0.68
C ASN B 272 28.68 -5.69 0.01
N CYS B 273 28.59 -5.77 1.34
CA CYS B 273 28.96 -7.02 2.04
C CYS B 273 27.84 -8.04 1.92
N GLY B 274 27.89 -8.87 0.87
CA GLY B 274 27.00 -10.01 0.73
C GLY B 274 27.47 -11.15 1.62
N ARG B 275 27.08 -11.10 2.89
CA ARG B 275 27.67 -11.96 3.91
C ARG B 275 27.41 -13.45 3.66
N TRP B 276 26.25 -13.77 3.11
CA TRP B 276 25.88 -15.18 3.02
C TRP B 276 26.66 -15.87 1.91
N ASP B 277 26.69 -15.27 0.73
CA ASP B 277 27.59 -15.75 -0.30
C ASP B 277 29.05 -15.74 0.18
N TYR B 278 29.41 -14.74 0.97
CA TYR B 278 30.78 -14.64 1.45
C TYR B 278 31.15 -15.87 2.31
N ILE B 279 30.26 -16.25 3.21
CA ILE B 279 30.49 -17.41 4.08
C ILE B 279 30.54 -18.70 3.27
N PHE B 280 29.59 -18.85 2.34
CA PHE B 280 29.60 -19.95 1.39
C PHE B 280 30.96 -20.01 0.68
N SER B 281 31.40 -18.87 0.15
CA SER B 281 32.65 -18.83 -0.56
C SER B 281 33.85 -19.12 0.33
N TYR B 282 33.81 -18.67 1.58
CA TYR B 282 34.90 -19.02 2.51
C TYR B 282 35.08 -20.55 2.55
N ILE B 283 33.99 -21.28 2.74
CA ILE B 283 34.02 -22.73 2.80
C ILE B 283 34.51 -23.32 1.49
N LYS B 284 33.95 -22.91 0.36
CA LYS B 284 34.37 -23.61 -0.86
C LYS B 284 35.76 -23.19 -1.31
N THR B 285 36.15 -21.95 -1.07
CA THR B 285 37.49 -21.49 -1.44
C THR B 285 38.58 -22.17 -0.60
N LEU B 286 38.30 -22.39 0.67
CA LEU B 286 39.26 -22.97 1.60
C LEU B 286 38.93 -24.44 1.86
N LYS B 287 38.31 -25.07 0.88
CA LYS B 287 37.83 -26.44 1.03
C LYS B 287 38.95 -27.42 1.38
N ASN B 288 40.19 -27.14 0.97
CA ASN B 288 41.27 -28.10 1.18
C ASN B 288 42.11 -27.80 2.43
N TYR B 289 41.58 -26.97 3.34
CA TYR B 289 42.28 -26.57 4.55
C TYR B 289 41.51 -27.08 5.77
N PRO B 290 41.99 -28.17 6.41
CA PRO B 290 41.23 -28.71 7.54
C PRO B 290 41.06 -27.79 8.73
N ASP B 291 41.92 -26.77 8.85
CA ASP B 291 41.81 -25.83 9.96
C ASP B 291 40.89 -24.64 9.66
N ARG B 292 40.24 -24.65 8.50
CA ARG B 292 39.31 -23.57 8.13
C ARG B 292 37.86 -24.06 8.06
N VAL B 293 37.52 -25.05 8.89
CA VAL B 293 36.18 -25.59 8.90
C VAL B 293 35.29 -24.70 9.75
N LEU B 294 34.14 -24.31 9.19
CA LEU B 294 33.20 -23.45 9.90
C LEU B 294 32.21 -24.29 10.71
N PRO B 295 31.75 -23.75 11.84
CA PRO B 295 30.85 -24.45 12.74
C PRO B 295 29.39 -24.40 12.29
N ASP B 296 28.47 -24.79 13.18
CA ASP B 296 27.04 -24.65 12.93
C ASP B 296 26.75 -23.27 12.34
N ARG B 297 25.87 -23.26 11.34
CA ARG B 297 25.64 -22.06 10.54
C ARG B 297 25.21 -20.86 11.37
N GLN B 298 24.34 -21.08 12.37
CA GLN B 298 23.80 -19.98 13.18
C GLN B 298 24.89 -19.31 14.02
N ALA B 299 26.02 -19.98 14.21
CA ALA B 299 27.15 -19.41 14.96
C ALA B 299 28.04 -18.49 14.12
N VAL B 300 27.84 -18.46 12.81
CA VAL B 300 28.70 -17.68 11.92
C VAL B 300 28.07 -16.30 11.73
N THR B 301 28.38 -15.42 12.67
CA THR B 301 27.76 -14.11 12.80
C THR B 301 28.76 -12.99 12.50
N MET B 302 28.25 -11.79 12.21
CA MET B 302 29.10 -10.72 11.68
C MET B 302 30.06 -10.13 12.71
N ASP B 303 29.84 -10.44 13.98
CA ASP B 303 30.79 -10.03 15.04
C ASP B 303 32.05 -10.88 15.10
N LYS B 304 32.04 -12.04 14.44
CA LYS B 304 33.22 -12.87 14.44
C LYS B 304 34.37 -12.14 13.74
N PRO B 305 35.61 -12.30 14.24
CA PRO B 305 36.72 -11.51 13.73
C PRO B 305 36.84 -11.44 12.21
N PHE B 306 36.80 -12.58 11.51
CA PHE B 306 37.05 -12.57 10.06
C PHE B 306 35.98 -11.79 9.30
N LEU B 307 34.75 -11.86 9.78
CA LEU B 307 33.64 -11.17 9.14
C LEU B 307 33.63 -9.68 9.48
N ASN B 308 33.93 -9.32 10.73
CA ASN B 308 34.07 -7.91 11.12
C ASN B 308 35.19 -7.23 10.33
N ALA B 309 36.30 -7.95 10.10
CA ALA B 309 37.43 -7.43 9.34
C ALA B 309 37.02 -7.16 7.92
N TYR B 310 36.29 -8.12 7.34
CA TYR B 310 35.75 -7.96 5.98
C TYR B 310 34.88 -6.71 5.86
N SER B 311 33.95 -6.54 6.77
CA SER B 311 33.15 -5.29 6.78
C SER B 311 33.94 -3.99 6.96
N ARG B 312 34.86 -3.98 7.93
CA ARG B 312 35.63 -2.76 8.18
C ARG B 312 36.56 -2.47 7.00
N LEU B 313 37.08 -3.50 6.35
CA LEU B 313 37.95 -3.24 5.21
C LEU B 313 37.14 -2.70 4.02
N LEU B 314 35.97 -3.28 3.81
CA LEU B 314 35.11 -2.83 2.72
C LEU B 314 34.70 -1.36 2.92
N ILE B 315 34.31 -1.04 4.14
CA ILE B 315 33.95 0.35 4.47
C ILE B 315 35.09 1.34 4.20
N LYS B 316 36.26 1.03 4.74
CA LYS B 316 37.43 1.91 4.54
C LYS B 316 37.78 2.05 3.06
N THR B 317 37.79 0.91 2.35
CA THR B 317 38.21 0.95 0.96
C THR B 317 37.20 1.71 0.10
N CYS B 318 35.91 1.45 0.30
CA CYS B 318 34.89 2.16 -0.49
C CYS B 318 35.00 3.68 -0.24
N HIS B 319 35.06 4.06 1.01
CA HIS B 319 35.04 5.47 1.32
C HIS B 319 36.27 6.20 0.82
N LYS B 320 37.42 5.52 0.80
N LYS B 320 37.42 5.52 0.82
CA LYS B 320 38.65 6.09 0.23
CA LYS B 320 38.66 6.06 0.22
C LYS B 320 38.44 6.51 -1.23
C LYS B 320 38.42 6.51 -1.22
N ARG B 321 37.58 5.76 -1.93
CA ARG B 321 37.32 6.02 -3.35
C ARG B 321 36.01 6.76 -3.61
N GLY B 322 35.35 7.21 -2.55
CA GLY B 322 34.10 7.94 -2.72
C GLY B 322 32.92 7.06 -3.11
N ALA B 323 33.03 5.77 -2.82
CA ALA B 323 31.98 4.82 -3.13
C ALA B 323 31.22 4.43 -1.89
N PHE B 324 29.97 4.02 -2.08
CA PHE B 324 29.18 3.55 -0.97
C PHE B 324 29.69 2.20 -0.47
N ALA B 325 29.45 1.92 0.80
CA ALA B 325 29.75 0.66 1.48
C ALA B 325 28.44 0.17 2.06
N MET B 326 27.73 -0.63 1.28
CA MET B 326 26.41 -1.11 1.67
C MET B 326 26.50 -2.37 2.54
N GLY B 327 25.66 -2.43 3.54
CA GLY B 327 25.52 -3.59 4.40
C GLY B 327 24.64 -4.65 3.78
N GLY B 328 24.48 -5.73 4.53
CA GLY B 328 23.73 -6.89 4.09
C GLY B 328 22.50 -7.11 4.92
N MET B 329 22.06 -8.35 5.00
N MET B 329 22.03 -8.35 4.94
CA MET B 329 20.82 -8.64 5.70
CA MET B 329 20.79 -8.68 5.64
C MET B 329 20.92 -9.88 6.57
C MET B 329 20.98 -9.83 6.61
N ALA B 330 20.11 -9.87 7.62
CA ALA B 330 20.19 -10.84 8.70
C ALA B 330 19.36 -12.08 8.42
N ALA B 331 18.38 -11.99 7.54
CA ALA B 331 17.57 -13.16 7.10
C ALA B 331 16.54 -13.70 8.11
N PHE B 332 16.24 -12.92 9.14
CA PHE B 332 15.15 -13.27 10.05
C PHE B 332 13.84 -12.72 9.50
N ILE B 333 12.81 -13.56 9.48
CA ILE B 333 11.48 -13.16 9.05
C ILE B 333 10.72 -12.59 10.24
N PRO B 334 9.99 -11.48 10.04
CA PRO B 334 9.11 -11.01 11.12
C PRO B 334 8.12 -12.10 11.52
N SER B 335 7.67 -12.07 12.77
CA SER B 335 6.69 -13.04 13.29
C SER B 335 5.30 -12.42 13.38
N LYS B 336 4.29 -13.25 13.18
CA LYS B 336 2.89 -12.87 13.37
C LYS B 336 2.53 -12.80 14.85
N ASP B 337 3.34 -13.43 15.70
CA ASP B 337 3.21 -13.33 17.15
C ASP B 337 3.95 -12.08 17.60
N GLU B 338 3.26 -11.20 18.32
CA GLU B 338 3.81 -9.89 18.71
C GLU B 338 5.05 -10.03 19.58
N GLU B 339 4.97 -10.93 20.55
CA GLU B 339 6.04 -11.12 21.52
C GLU B 339 7.27 -11.71 20.82
N HIS B 340 7.05 -12.73 20.01
CA HIS B 340 8.11 -13.31 19.19
C HIS B 340 8.69 -12.28 18.22
N ASN B 341 7.83 -11.46 17.62
CA ASN B 341 8.31 -10.46 16.68
C ASN B 341 9.19 -9.41 17.37
N ASN B 342 8.88 -9.08 18.63
CA ASN B 342 9.72 -8.17 19.39
C ASN B 342 11.15 -8.69 19.47
N GLN B 343 11.30 -9.99 19.73
CA GLN B 343 12.61 -10.62 19.81
C GLN B 343 13.33 -10.56 18.45
N VAL B 344 12.58 -10.80 17.38
CA VAL B 344 13.12 -10.71 16.02
C VAL B 344 13.59 -9.29 15.72
N LEU B 345 12.74 -8.29 15.97
CA LEU B 345 13.12 -6.91 15.70
C LEU B 345 14.32 -6.45 16.55
N ASN B 346 14.42 -6.92 17.78
CA ASN B 346 15.56 -6.55 18.61
C ASN B 346 16.88 -7.11 18.06
N LYS B 347 16.84 -8.34 17.56
CA LYS B 347 18.05 -8.90 16.97
C LYS B 347 18.39 -8.27 15.60
N VAL B 348 17.37 -7.88 14.85
CA VAL B 348 17.59 -7.16 13.60
C VAL B 348 18.18 -5.79 13.91
N LYS B 349 17.62 -5.11 14.91
CA LYS B 349 18.12 -3.80 15.35
C LYS B 349 19.59 -3.89 15.74
N ALA B 350 19.95 -4.91 16.52
CA ALA B 350 21.32 -5.10 16.92
C ALA B 350 22.25 -5.28 15.72
N ASP B 351 21.82 -6.10 14.76
CA ASP B 351 22.59 -6.36 13.53
C ASP B 351 22.80 -5.03 12.77
N LYS B 352 21.74 -4.27 12.58
CA LYS B 352 21.86 -2.99 11.87
C LYS B 352 22.72 -1.97 12.61
N SER B 353 22.64 -1.98 13.94
CA SER B 353 23.43 -1.05 14.76
CA SER B 353 23.42 -1.04 14.74
C SER B 353 24.91 -1.30 14.55
N LEU B 354 25.29 -2.57 14.46
CA LEU B 354 26.70 -2.87 14.24
C LEU B 354 27.13 -2.26 12.92
N GLU B 355 26.30 -2.45 11.88
CA GLU B 355 26.63 -1.93 10.55
C GLU B 355 26.72 -0.41 10.52
N ALA B 356 25.71 0.25 11.10
CA ALA B 356 25.67 1.73 11.10
C ALA B 356 26.85 2.30 11.88
N ASN B 357 27.13 1.74 13.05
CA ASN B 357 28.27 2.20 13.87
C ASN B 357 29.62 1.98 13.22
N ASN B 358 29.74 0.92 12.43
CA ASN B 358 30.98 0.69 11.70
C ASN B 358 31.19 1.61 10.51
N GLY B 359 30.12 2.22 9.99
CA GLY B 359 30.23 3.14 8.87
C GLY B 359 29.56 2.76 7.57
N HIS B 360 28.81 1.66 7.56
CA HIS B 360 28.03 1.35 6.37
C HIS B 360 27.05 2.46 6.01
N ASP B 361 26.93 2.77 4.73
CA ASP B 361 26.04 3.83 4.27
C ASP B 361 24.58 3.47 4.30
N GLY B 362 24.30 2.16 4.28
CA GLY B 362 22.95 1.69 4.42
C GLY B 362 22.97 0.18 4.48
N THR B 363 21.80 -0.43 4.47
CA THR B 363 21.66 -1.85 4.76
C THR B 363 20.52 -2.43 3.94
N TRP B 364 20.46 -3.76 3.93
CA TRP B 364 19.41 -4.52 3.26
C TRP B 364 18.37 -5.07 4.21
N ILE B 365 17.14 -5.13 3.72
CA ILE B 365 16.07 -5.93 4.32
C ILE B 365 15.43 -6.77 3.22
N ALA B 366 14.80 -7.87 3.60
CA ALA B 366 14.09 -8.70 2.63
C ALA B 366 12.61 -8.89 2.98
N HIS B 367 12.07 -8.01 3.81
CA HIS B 367 10.66 -8.03 4.20
C HIS B 367 10.29 -6.62 4.66
N PRO B 368 9.15 -6.10 4.18
CA PRO B 368 8.77 -4.75 4.59
C PRO B 368 8.57 -4.55 6.10
N GLY B 369 8.27 -5.63 6.82
CA GLY B 369 8.10 -5.57 8.27
C GLY B 369 9.36 -5.29 9.05
N LEU B 370 10.50 -5.30 8.36
CA LEU B 370 11.79 -4.93 8.94
C LEU B 370 12.20 -3.47 8.63
N ALA B 371 11.47 -2.82 7.74
CA ALA B 371 11.87 -1.48 7.28
C ALA B 371 11.92 -0.44 8.41
N ASP B 372 10.91 -0.40 9.29
CA ASP B 372 10.90 0.65 10.32
C ASP B 372 12.09 0.52 11.27
N THR B 373 12.43 -0.71 11.61
CA THR B 373 13.55 -1.00 12.48
C THR B 373 14.86 -0.57 11.86
N ALA B 374 15.08 -0.98 10.62
CA ALA B 374 16.30 -0.62 9.92
C ALA B 374 16.40 0.88 9.67
N MET B 375 15.29 1.49 9.24
CA MET B 375 15.28 2.93 9.01
C MET B 375 15.60 3.68 10.30
N ALA B 376 15.07 3.20 11.42
CA ALA B 376 15.32 3.91 12.68
C ALA B 376 16.78 3.90 13.09
N VAL B 377 17.47 2.78 12.92
CA VAL B 377 18.87 2.71 13.24
C VAL B 377 19.68 3.66 12.37
N PHE B 378 19.42 3.62 11.06
CA PHE B 378 20.17 4.49 10.16
C PHE B 378 19.80 5.98 10.29
N ASN B 379 18.52 6.29 10.53
CA ASN B 379 18.11 7.67 10.74
C ASN B 379 18.85 8.25 11.94
N ASP B 380 18.95 7.46 13.00
CA ASP B 380 19.63 7.88 14.24
CA ASP B 380 19.62 7.91 14.22
C ASP B 380 21.09 8.20 13.96
N ILE B 381 21.78 7.28 13.29
CA ILE B 381 23.23 7.45 13.08
CA ILE B 381 23.23 7.44 13.05
C ILE B 381 23.53 8.51 12.00
N LEU B 382 22.74 8.56 10.94
CA LEU B 382 22.97 9.53 9.87
C LEU B 382 22.62 10.97 10.24
N GLY B 383 21.59 11.15 11.06
CA GLY B 383 21.13 12.49 11.42
C GLY B 383 20.72 13.31 10.20
N SER B 384 21.38 14.46 10.00
CA SER B 384 21.06 15.33 8.87
C SER B 384 21.77 14.91 7.57
N ARG B 385 22.65 13.91 7.65
CA ARG B 385 23.42 13.44 6.50
C ARG B 385 22.67 12.37 5.72
N LYS B 386 23.06 12.18 4.46
CA LYS B 386 22.36 11.23 3.59
C LYS B 386 23.07 9.88 3.59
N ASN B 387 24.35 9.89 4.00
CA ASN B 387 25.19 8.71 3.97
C ASN B 387 26.38 8.90 4.92
N GLN B 388 27.28 7.95 4.96
CA GLN B 388 28.48 8.02 5.78
C GLN B 388 29.77 8.00 4.97
N LEU B 389 29.76 8.63 3.81
CA LEU B 389 30.94 8.64 2.96
C LEU B 389 32.19 9.22 3.60
N GLU B 390 31.99 10.09 4.59
CA GLU B 390 33.11 10.75 5.26
C GLU B 390 33.82 9.87 6.28
N VAL B 391 33.22 8.74 6.63
CA VAL B 391 33.78 7.81 7.63
C VAL B 391 34.91 6.98 7.02
N MET B 392 36.14 7.29 7.40
CA MET B 392 37.32 6.67 6.78
CA MET B 392 37.32 6.68 6.79
C MET B 392 37.95 5.59 7.65
N ARG B 393 37.41 5.40 8.85
CA ARG B 393 37.96 4.50 9.85
C ARG B 393 39.47 4.67 10.07
N GLU B 394 39.90 5.92 10.27
CA GLU B 394 41.33 6.17 10.47
C GLU B 394 41.87 5.56 11.78
N GLN B 395 40.98 5.24 12.72
CA GLN B 395 41.38 4.50 13.92
C GLN B 395 41.88 3.08 13.62
N ASP B 396 41.46 2.49 12.50
CA ASP B 396 41.76 1.08 12.24
C ASP B 396 43.21 0.81 11.80
N ALA B 397 43.82 -0.19 12.42
CA ALA B 397 45.12 -0.69 11.94
C ALA B 397 44.90 -1.41 10.59
N PRO B 398 45.99 -1.62 9.85
CA PRO B 398 45.86 -2.38 8.61
C PRO B 398 45.15 -3.70 8.81
N ILE B 399 44.38 -4.11 7.79
CA ILE B 399 43.72 -5.40 7.83
C ILE B 399 44.51 -6.34 6.89
N THR B 400 44.87 -7.49 7.42
CA THR B 400 45.77 -8.40 6.75
C THR B 400 45.02 -9.64 6.27
N ALA B 401 45.65 -10.35 5.33
CA ALA B 401 45.15 -11.64 4.86
C ALA B 401 44.96 -12.60 6.02
N ASP B 402 45.92 -12.69 6.94
CA ASP B 402 45.77 -13.60 8.07
C ASP B 402 44.49 -13.30 8.84
N GLN B 403 44.15 -12.01 9.00
CA GLN B 403 42.93 -11.62 9.73
C GLN B 403 41.66 -11.97 8.95
N LEU B 404 41.67 -11.69 7.65
CA LEU B 404 40.51 -12.01 6.79
C LEU B 404 40.30 -13.53 6.65
N LEU B 405 41.37 -14.31 6.78
CA LEU B 405 41.29 -15.75 6.59
C LEU B 405 41.16 -16.53 7.90
N ALA B 406 41.17 -15.83 9.03
CA ALA B 406 41.31 -16.46 10.33
C ALA B 406 40.24 -17.51 10.56
N PRO B 407 40.64 -18.71 11.00
CA PRO B 407 39.72 -19.77 11.36
C PRO B 407 38.63 -19.30 12.31
N CYS B 408 37.42 -19.76 12.06
CA CYS B 408 36.30 -19.43 12.92
C CYS B 408 35.85 -20.73 13.60
N ASP B 409 36.50 -21.07 14.70
CA ASP B 409 36.22 -22.32 15.39
C ASP B 409 35.00 -22.18 16.28
N GLY B 410 34.21 -23.24 16.35
CA GLY B 410 32.99 -23.26 17.14
C GLY B 410 32.40 -24.65 17.12
N GLU B 411 31.25 -24.81 17.76
CA GLU B 411 30.64 -26.13 17.87
C GLU B 411 30.13 -26.64 16.52
N ARG B 412 30.54 -27.85 16.17
CA ARG B 412 29.92 -28.62 15.09
C ARG B 412 29.01 -29.64 15.75
N THR B 413 27.71 -29.41 15.72
CA THR B 413 26.77 -30.28 16.44
C THR B 413 25.90 -31.13 15.52
N GLU B 414 25.45 -32.26 16.06
CA GLU B 414 24.53 -33.11 15.32
C GLU B 414 23.26 -32.34 14.94
N GLU B 415 22.75 -31.53 15.85
CA GLU B 415 21.60 -30.70 15.57
C GLU B 415 21.89 -29.75 14.40
N GLY B 416 23.07 -29.16 14.40
CA GLY B 416 23.52 -28.29 13.30
C GLY B 416 23.58 -29.01 11.97
N MET B 417 24.14 -30.22 11.98
CA MET B 417 24.21 -31.03 10.77
C MET B 417 22.81 -31.39 10.25
N ARG B 418 21.92 -31.81 11.15
CA ARG B 418 20.57 -32.14 10.74
C ARG B 418 19.82 -30.91 10.20
N ALA B 419 20.01 -29.75 10.84
CA ALA B 419 19.38 -28.53 10.36
C ALA B 419 19.87 -28.17 8.97
N ASN B 420 21.17 -28.30 8.74
CA ASN B 420 21.71 -28.04 7.41
C ASN B 420 21.12 -28.97 6.35
N ILE B 421 20.89 -30.22 6.71
CA ILE B 421 20.25 -31.17 5.79
C ILE B 421 18.84 -30.73 5.46
N ARG B 422 18.07 -30.42 6.50
CA ARG B 422 16.68 -30.02 6.32
C ARG B 422 16.56 -28.74 5.51
N VAL B 423 17.45 -27.79 5.77
CA VAL B 423 17.44 -26.52 5.04
C VAL B 423 17.81 -26.74 3.57
N ALA B 424 18.91 -27.44 3.33
CA ALA B 424 19.37 -27.64 1.96
C ALA B 424 18.33 -28.42 1.15
N VAL B 425 17.78 -29.49 1.73
CA VAL B 425 16.80 -30.28 1.01
C VAL B 425 15.53 -29.49 0.68
N GLN B 426 15.03 -28.74 1.66
CA GLN B 426 13.81 -27.99 1.45
C GLN B 426 14.04 -26.85 0.47
N TYR B 427 15.21 -26.22 0.53
CA TYR B 427 15.50 -25.17 -0.44
C TYR B 427 15.57 -25.75 -1.85
N ILE B 428 16.24 -26.88 -2.01
CA ILE B 428 16.35 -27.50 -3.32
C ILE B 428 14.96 -27.88 -3.84
N GLU B 429 14.12 -28.42 -2.96
CA GLU B 429 12.77 -28.79 -3.38
C GLU B 429 11.98 -27.60 -3.90
N ALA B 430 12.08 -26.47 -3.17
CA ALA B 430 11.40 -25.26 -3.58
C ALA B 430 11.95 -24.75 -4.91
N TRP B 431 13.27 -24.70 -5.01
CA TRP B 431 13.93 -24.10 -6.15
C TRP B 431 13.57 -24.85 -7.42
N ILE B 432 13.66 -26.17 -7.38
CA ILE B 432 13.33 -26.98 -8.56
C ILE B 432 11.83 -26.91 -8.90
N SER B 433 11.01 -26.52 -7.92
CA SER B 433 9.59 -26.24 -8.12
C SER B 433 9.29 -24.79 -8.51
N GLY B 434 10.32 -23.98 -8.79
CA GLY B 434 10.15 -22.61 -9.28
C GLY B 434 10.14 -21.52 -8.22
N ASN B 435 10.51 -21.88 -6.99
CA ASN B 435 10.46 -20.95 -5.85
C ASN B 435 11.86 -20.75 -5.27
N GLY B 436 12.49 -19.62 -5.58
CA GLY B 436 13.89 -19.38 -5.19
C GLY B 436 14.10 -18.70 -3.84
N CSO B 437 13.02 -18.39 -3.14
CA CSO B 437 13.10 -17.81 -1.81
CB CSO B 437 12.97 -16.30 -1.91
SG CSO B 437 12.82 -15.48 -0.36
C CSO B 437 11.98 -18.33 -0.97
O CSO B 437 10.82 -18.14 -1.31
OD CSO B 437 14.44 -15.66 0.20
N VAL B 438 12.32 -19.00 0.13
CA VAL B 438 11.28 -19.57 0.97
C VAL B 438 11.56 -19.43 2.46
N PRO B 439 10.50 -19.25 3.24
CA PRO B 439 10.64 -19.18 4.67
C PRO B 439 10.77 -20.57 5.23
N ILE B 440 11.81 -20.80 6.02
CA ILE B 440 12.01 -22.10 6.68
C ILE B 440 12.45 -21.81 8.11
N TYR B 441 11.69 -22.29 9.10
CA TYR B 441 12.08 -22.17 10.51
C TYR B 441 12.38 -20.72 10.92
N GLY B 442 11.57 -19.80 10.42
CA GLY B 442 11.69 -18.39 10.77
C GLY B 442 12.81 -17.66 10.06
N LEU B 443 13.46 -18.32 9.12
CA LEU B 443 14.55 -17.71 8.34
C LEU B 443 14.18 -17.64 6.85
N MET B 444 14.61 -16.57 6.20
CA MET B 444 14.49 -16.47 4.75
C MET B 444 15.67 -17.25 4.13
N GLU B 445 15.35 -18.26 3.33
CA GLU B 445 16.35 -19.08 2.67
C GLU B 445 16.35 -18.76 1.19
N ASP B 446 17.49 -18.34 0.67
CA ASP B 446 17.70 -18.22 -0.75
C ASP B 446 18.94 -19.04 -1.11
N ALA B 447 19.41 -18.95 -2.34
CA ALA B 447 20.46 -19.86 -2.79
C ALA B 447 21.69 -19.81 -1.87
N ALA B 448 22.16 -18.60 -1.55
CA ALA B 448 23.39 -18.50 -0.77
C ALA B 448 23.28 -19.12 0.63
N THR B 449 22.16 -18.93 1.30
CA THR B 449 22.05 -19.43 2.67
C THR B 449 21.97 -20.96 2.62
N ALA B 450 21.25 -21.48 1.65
CA ALA B 450 21.22 -22.93 1.44
C ALA B 450 22.57 -23.49 1.02
N GLU B 451 23.29 -22.73 0.21
CA GLU B 451 24.62 -23.11 -0.22
C GLU B 451 25.53 -23.30 0.99
N ILE B 452 25.44 -22.41 1.98
CA ILE B 452 26.23 -22.60 3.20
C ILE B 452 25.91 -23.96 3.82
N SER B 453 24.63 -24.25 3.96
CA SER B 453 24.20 -25.50 4.59
C SER B 453 24.73 -26.73 3.89
N ARG B 454 24.59 -26.76 2.57
CA ARG B 454 25.03 -27.97 1.86
C ARG B 454 26.56 -28.06 1.82
N THR B 455 27.24 -26.93 1.63
CA THR B 455 28.68 -26.94 1.53
CA THR B 455 28.71 -26.96 1.54
C THR B 455 29.34 -27.27 2.89
N SER B 456 28.71 -26.82 3.96
CA SER B 456 29.22 -27.12 5.30
C SER B 456 29.22 -28.64 5.54
N ILE B 457 28.13 -29.31 5.16
CA ILE B 457 28.04 -30.77 5.33
C ILE B 457 29.14 -31.46 4.53
N TRP B 458 29.31 -31.06 3.28
CA TRP B 458 30.41 -31.60 2.48
C TRP B 458 31.76 -31.40 3.16
N GLN B 459 31.98 -30.20 3.70
CA GLN B 459 33.24 -29.87 4.35
C GLN B 459 33.54 -30.73 5.57
N TRP B 460 32.51 -31.01 6.36
CA TRP B 460 32.67 -31.84 7.56
C TRP B 460 32.98 -33.29 7.16
N ILE B 461 32.34 -33.76 6.09
CA ILE B 461 32.64 -35.10 5.56
C ILE B 461 34.06 -35.10 4.99
N HIS B 462 34.39 -34.09 4.18
CA HIS B 462 35.68 -34.07 3.49
C HIS B 462 36.88 -34.18 4.43
N HIS B 463 36.81 -33.47 5.55
CA HIS B 463 37.91 -33.46 6.52
C HIS B 463 37.70 -34.43 7.67
N GLN B 464 36.67 -35.28 7.55
CA GLN B 464 36.38 -36.32 8.55
C GLN B 464 36.32 -35.69 9.93
N LYS B 465 35.54 -34.62 10.04
CA LYS B 465 35.39 -33.92 11.29
C LYS B 465 34.43 -34.67 12.19
N THR B 466 34.64 -34.53 13.50
CA THR B 466 33.75 -35.17 14.47
C THR B 466 32.74 -34.13 14.88
N LEU B 467 31.52 -34.58 15.15
CA LEU B 467 30.53 -33.74 15.80
C LEU B 467 30.93 -33.61 17.27
N SER B 468 30.33 -32.64 17.96
CA SER B 468 30.62 -32.39 19.37
C SER B 468 30.27 -33.56 20.29
N ASN B 469 29.37 -34.44 19.83
CA ASN B 469 29.04 -35.68 20.55
C ASN B 469 29.97 -36.85 20.21
N GLY B 470 31.08 -36.55 19.53
CA GLY B 470 32.06 -37.56 19.18
C GLY B 470 31.80 -38.33 17.89
N LYS B 471 30.63 -38.16 17.27
CA LYS B 471 30.30 -38.92 16.04
C LYS B 471 31.14 -38.47 14.85
N PRO B 472 31.88 -39.38 14.22
CA PRO B 472 32.59 -39.05 12.98
C PRO B 472 31.63 -38.72 11.83
N VAL B 473 31.86 -37.57 11.18
CA VAL B 473 31.01 -37.22 10.04
C VAL B 473 31.52 -37.93 8.79
N THR B 474 30.66 -38.78 8.25
CA THR B 474 30.98 -39.60 7.09
C THR B 474 29.84 -39.55 6.08
N LYS B 475 30.09 -40.03 4.87
CA LYS B 475 29.03 -40.17 3.88
C LYS B 475 27.91 -41.08 4.40
N ALA B 476 28.28 -42.13 5.14
CA ALA B 476 27.31 -43.06 5.70
C ALA B 476 26.40 -42.39 6.72
N LEU B 477 27.01 -41.62 7.63
CA LEU B 477 26.25 -40.89 8.63
C LEU B 477 25.30 -39.94 7.92
N PHE B 478 25.81 -39.21 6.94
CA PHE B 478 24.96 -38.29 6.18
C PHE B 478 23.76 -39.00 5.54
N ARG B 479 23.99 -40.15 4.89
CA ARG B 479 22.91 -40.85 4.18
C ARG B 479 21.80 -41.33 5.12
N GLN B 480 22.18 -41.80 6.30
CA GLN B 480 21.18 -42.23 7.28
C GLN B 480 20.43 -41.02 7.83
N MET B 481 21.16 -39.95 8.14
CA MET B 481 20.52 -38.71 8.63
C MET B 481 19.59 -38.09 7.59
N LEU B 482 19.97 -38.18 6.32
CA LEU B 482 19.14 -37.68 5.24
C LEU B 482 17.76 -38.36 5.27
N GLY B 483 17.73 -39.68 5.35
CA GLY B 483 16.44 -40.37 5.40
C GLY B 483 15.66 -40.07 6.68
N GLU B 484 16.36 -39.96 7.80
CA GLU B 484 15.74 -39.56 9.07
C GLU B 484 15.19 -38.14 9.04
N GLU B 485 15.92 -37.22 8.44
CA GLU B 485 15.43 -35.84 8.34
C GLU B 485 14.32 -35.68 7.30
N MET B 486 14.28 -36.52 6.27
CA MET B 486 13.15 -36.51 5.33
C MET B 486 11.84 -36.83 6.04
N LYS B 487 11.90 -37.70 7.04
CA LYS B 487 10.75 -38.02 7.88
C LYS B 487 10.32 -36.83 8.73
N VAL B 488 11.29 -36.09 9.23
CA VAL B 488 11.00 -34.90 10.04
C VAL B 488 10.29 -33.86 9.17
N ILE B 489 10.84 -33.64 7.97
CA ILE B 489 10.25 -32.72 7.01
C ILE B 489 8.82 -33.14 6.65
N ALA B 490 8.61 -34.42 6.38
CA ALA B 490 7.29 -34.94 6.02
C ALA B 490 6.27 -34.70 7.13
N SER B 491 6.69 -34.95 8.36
CA SER B 491 5.83 -34.77 9.53
C SER B 491 5.56 -33.28 9.83
N GLU B 492 6.53 -32.42 9.52
CA GLU B 492 6.35 -30.98 9.70
C GLU B 492 5.38 -30.38 8.68
N LEU B 493 5.46 -30.87 7.44
CA LEU B 493 4.70 -30.31 6.34
C LEU B 493 3.33 -30.97 6.15
N GLY B 494 3.16 -32.17 6.71
CA GLY B 494 1.93 -32.93 6.49
C GLY B 494 2.00 -33.70 5.20
N GLU B 495 1.20 -34.77 5.11
CA GLU B 495 1.27 -35.71 4.00
C GLU B 495 0.94 -35.08 2.65
N GLU B 496 0.03 -34.11 2.64
CA GLU B 496 -0.43 -33.52 1.39
C GLU B 496 0.66 -32.67 0.74
N ARG B 497 1.20 -31.72 1.50
CA ARG B 497 2.28 -30.87 1.00
C ARG B 497 3.51 -31.70 0.61
N PHE B 498 3.83 -32.73 1.40
CA PHE B 498 5.04 -33.52 1.17
C PHE B 498 4.90 -34.40 -0.07
N SER B 499 3.76 -35.08 -0.21
CA SER B 499 3.53 -35.99 -1.32
C SER B 499 3.38 -35.26 -2.66
N GLN B 500 2.85 -34.05 -2.60
CA GLN B 500 2.65 -33.22 -3.79
C GLN B 500 3.91 -32.52 -4.26
N GLY B 501 4.94 -32.51 -3.41
CA GLY B 501 6.16 -31.77 -3.71
C GLY B 501 7.14 -32.54 -4.57
N ARG B 502 8.40 -32.11 -4.52
CA ARG B 502 9.47 -32.75 -5.26
C ARG B 502 10.59 -33.16 -4.31
N PHE B 503 10.22 -33.70 -3.16
CA PHE B 503 11.19 -34.06 -2.13
C PHE B 503 12.04 -35.28 -2.50
N ASP B 504 11.49 -36.17 -3.31
CA ASP B 504 12.26 -37.29 -3.84
C ASP B 504 13.40 -36.79 -4.72
N ASP B 505 13.07 -35.92 -5.66
CA ASP B 505 14.06 -35.32 -6.56
C ASP B 505 15.08 -34.50 -5.76
N ALA B 506 14.61 -33.73 -4.79
CA ALA B 506 15.49 -32.85 -3.98
C ALA B 506 16.47 -33.67 -3.16
N ALA B 507 15.97 -34.71 -2.50
CA ALA B 507 16.83 -35.59 -1.69
C ALA B 507 17.86 -36.32 -2.53
N ARG B 508 17.47 -36.67 -3.75
CA ARG B 508 18.36 -37.36 -4.68
C ARG B 508 19.51 -36.44 -5.09
N LEU B 509 19.18 -35.21 -5.43
CA LEU B 509 20.19 -34.23 -5.83
C LEU B 509 21.09 -33.90 -4.64
N MET B 510 20.48 -33.71 -3.47
CA MET B 510 21.23 -33.48 -2.25
C MET B 510 22.24 -34.58 -1.97
N GLU B 511 21.79 -35.83 -2.08
CA GLU B 511 22.70 -36.95 -1.83
C GLU B 511 23.85 -37.01 -2.85
N GLN B 512 23.53 -36.78 -4.12
CA GLN B 512 24.54 -36.70 -5.17
C GLN B 512 25.62 -35.65 -4.88
N ILE B 513 25.22 -34.42 -4.59
CA ILE B 513 26.22 -33.37 -4.45
C ILE B 513 26.96 -33.51 -3.12
N THR B 514 26.30 -34.05 -2.10
CA THR B 514 26.92 -34.16 -0.79
C THR B 514 27.94 -35.28 -0.72
N THR B 515 27.67 -36.39 -1.42
CA THR B 515 28.55 -37.55 -1.35
C THR B 515 29.61 -37.59 -2.46
N SER B 516 29.59 -36.62 -3.37
CA SER B 516 30.63 -36.48 -4.37
C SER B 516 31.97 -36.16 -3.71
N ASP B 517 33.05 -36.68 -4.27
CA ASP B 517 34.39 -36.44 -3.74
C ASP B 517 34.83 -35.01 -4.04
N GLU B 518 34.35 -34.44 -5.14
CA GLU B 518 34.59 -33.03 -5.46
C GLU B 518 33.44 -32.16 -4.98
N LEU B 519 33.77 -30.92 -4.61
CA LEU B 519 32.77 -29.95 -4.18
C LEU B 519 32.23 -29.20 -5.39
N ILE B 520 30.95 -29.39 -5.72
CA ILE B 520 30.37 -28.66 -6.84
C ILE B 520 30.29 -27.17 -6.49
N ASP B 521 30.54 -26.32 -7.48
CA ASP B 521 30.65 -24.88 -7.20
C ASP B 521 29.33 -24.26 -6.75
N PHE B 522 28.22 -24.64 -7.36
CA PHE B 522 26.91 -24.06 -7.09
C PHE B 522 25.82 -25.11 -7.26
N LEU B 523 24.92 -25.19 -6.30
CA LEU B 523 23.82 -26.18 -6.36
C LEU B 523 22.86 -25.85 -7.50
N THR B 524 22.84 -24.59 -7.93
CA THR B 524 22.00 -24.13 -9.01
C THR B 524 22.38 -24.70 -10.38
N LEU B 525 23.63 -25.14 -10.54
CA LEU B 525 24.05 -25.70 -11.81
C LEU B 525 23.39 -27.07 -12.07
N PRO B 526 23.59 -28.05 -11.17
CA PRO B 526 22.80 -29.26 -11.36
C PRO B 526 21.29 -29.03 -11.19
N GLY B 527 20.89 -28.14 -10.30
CA GLY B 527 19.48 -27.88 -10.10
C GLY B 527 18.78 -27.44 -11.37
N TYR B 528 19.47 -26.65 -12.20
CA TYR B 528 18.87 -26.06 -13.41
C TYR B 528 18.45 -27.14 -14.41
N ARG B 529 19.12 -28.29 -14.33
CA ARG B 529 18.77 -29.43 -15.19
C ARG B 529 17.37 -29.96 -14.94
N LEU B 530 16.80 -29.60 -13.79
CA LEU B 530 15.46 -30.03 -13.44
C LEU B 530 14.40 -28.99 -13.81
N LEU B 531 14.82 -27.83 -14.33
CA LEU B 531 13.86 -26.83 -14.81
C LEU B 531 13.52 -27.02 -16.29
N ALA B 532 12.27 -26.75 -16.65
CA ALA B 532 11.77 -26.86 -18.03
C ALA B 532 12.59 -26.05 -19.02
C1 OXL C . -20.11 9.14 3.34
C2 OXL C . -20.95 9.88 2.39
O1 OXL C . -20.18 9.47 4.56
O2 OXL C . -20.54 10.10 1.22
O3 OXL C . -19.32 8.25 2.90
O4 OXL C . -22.01 10.36 2.83
MG MG D . -21.76 10.84 4.89
MG MG E . -29.97 13.14 -19.58
N1A COA F . -21.71 17.26 -10.13
C2A COA F . -21.98 17.94 -11.30
N3A COA F . -20.96 18.36 -12.12
C4A COA F . -19.68 18.11 -11.74
C5A COA F . -19.40 17.45 -10.55
C6A COA F . -20.45 17.00 -9.74
N6A COA F . -20.22 16.26 -8.66
N7A COA F . -18.06 17.34 -10.45
C8A COA F . -17.49 17.95 -11.51
N9A COA F . -18.49 18.43 -12.32
C1B COA F . -18.33 19.03 -13.65
C2B COA F . -17.60 20.36 -13.57
O2B COA F . -18.49 21.37 -13.16
C3B COA F . -17.12 20.47 -15.00
O3B COA F . -18.13 21.05 -15.78
P3B COA F . -17.78 21.99 -17.02
O7A COA F . -17.15 23.23 -16.48
O8A COA F . -16.82 21.24 -17.92
O9A COA F . -19.07 22.27 -17.73
C4B COA F . -16.97 19.04 -15.49
O4B COA F . -17.53 18.22 -14.48
C5B COA F . -15.55 18.59 -15.78
O5B COA F . -14.86 18.41 -14.57
P1A COA F . -13.38 19.02 -14.37
O1A COA F . -12.66 18.24 -13.29
O2A COA F . -12.61 19.06 -15.67
O3A COA F . -13.78 20.51 -13.90
P2A COA F . -13.07 21.30 -12.70
O4A COA F . -13.78 20.72 -11.37
O5A COA F . -11.59 21.01 -12.69
O6A COA F . -13.32 22.78 -12.85
C1 OXL G . 24.33 -12.39 0.19
C2 OXL G . 23.30 -11.67 -0.56
O1 OXL G . 25.03 -13.23 -0.46
O2 OXL G . 23.50 -11.49 -1.79
O3 OXL G . 24.45 -12.23 1.42
O4 OXL G . 22.23 -11.29 0.02
MG MG H . 24.69 -13.09 -2.50
N1A COA I . 9.35 -7.54 -1.23
C2A COA I . 8.09 -7.03 -1.43
N3A COA I . 7.03 -7.42 -0.63
C4A COA I . 7.26 -8.33 0.35
C5A COA I . 8.52 -8.86 0.55
C6A COA I . 9.60 -8.45 -0.25
N6A COA I . 10.84 -8.84 -0.02
N7A COA I . 8.45 -9.72 1.59
C8A COA I . 7.18 -9.75 2.03
N9A COA I . 6.43 -8.89 1.26
C1B COA I . 5.03 -8.51 1.48
C2B COA I . 4.08 -9.65 1.16
O2B COA I . 3.87 -9.73 -0.24
C3B COA I . 2.87 -9.21 1.95
O3B COA I . 2.07 -8.43 1.11
P3B COA I . 0.48 -8.37 1.25
O7A COA I . -0.04 -9.71 0.82
O8A COA I . 0.15 -8.09 2.70
O9A COA I . 0.02 -7.25 0.35
C4B COA I . 3.41 -8.33 3.07
O4B COA I . 4.79 -8.19 2.82
C5B COA I . 3.18 -8.87 4.48
O5B COA I . 4.11 -9.90 4.73
P1A COA I . 3.66 -11.35 5.30
O1A COA I . 4.81 -11.95 6.08
O2A COA I . 2.38 -11.26 6.10
O3A COA I . 3.44 -12.12 3.90
P2A COA I . 3.06 -13.69 3.83
O4A COA I . 4.46 -14.40 3.49
O5A COA I . 2.53 -14.17 5.16
O6A COA I . 2.06 -13.92 2.71
#